data_1BJJ
#
_entry.id   1BJJ
#
_cell.length_a   87.750
_cell.length_b   105.800
_cell.length_c   110.030
_cell.angle_alpha   90.00
_cell.angle_beta   90.00
_cell.angle_gamma   90.00
#
_symmetry.space_group_name_H-M   'P 21 21 21'
#
loop_
_entity.id
_entity.type
_entity.pdbx_description
1 polymer AGKISTRODOTOXIN
2 non-polymer 'CALCIUM ION'
3 water water
#
_entity_poly.entity_id   1
_entity_poly.type   'polypeptide(L)'
_entity_poly.pdbx_seq_one_letter_code
;NLLQFNKMIKEETGKNAIPFYAFYGCYCGWGGQGKPKDGTDRCCFVHDCCYGRLVNCNTKSDIYSYSLKEGYITCGKGTN
CEEQICECDRVAAECFRRNLDTYNNGYMFYRDSKCTETSEEC
;
_entity_poly.pdbx_strand_id   A,B,C,D,E,F
#
loop_
_chem_comp.id
_chem_comp.type
_chem_comp.name
_chem_comp.formula
CA non-polymer 'CALCIUM ION' 'Ca 2'
#
# COMPACT_ATOMS: atom_id res chain seq x y z
N ASN A 1 -18.90 -15.12 -7.82
CA ASN A 1 -18.62 -13.96 -8.71
C ASN A 1 -19.86 -13.65 -9.55
N LEU A 2 -20.29 -12.38 -9.52
CA LEU A 2 -21.48 -11.96 -10.27
C LEU A 2 -21.50 -12.39 -11.72
N LEU A 3 -20.35 -12.41 -12.37
CA LEU A 3 -20.33 -12.82 -13.77
C LEU A 3 -20.69 -14.30 -13.96
N GLN A 4 -20.46 -15.12 -12.94
CA GLN A 4 -20.79 -16.55 -13.00
C GLN A 4 -22.28 -16.67 -12.71
N PHE A 5 -22.75 -15.87 -11.76
CA PHE A 5 -24.16 -15.84 -11.39
C PHE A 5 -24.94 -15.43 -12.63
N ASN A 6 -24.42 -14.43 -13.33
CA ASN A 6 -25.04 -13.94 -14.55
C ASN A 6 -25.20 -15.08 -15.55
N LYS A 7 -24.14 -15.87 -15.71
CA LYS A 7 -24.14 -17.00 -16.63
C LYS A 7 -25.18 -18.05 -16.29
N MET A 8 -25.42 -18.24 -15.01
CA MET A 8 -26.40 -19.21 -14.54
C MET A 8 -27.79 -18.73 -14.93
N ILE A 9 -28.04 -17.45 -14.72
CA ILE A 9 -29.33 -16.86 -15.05
C ILE A 9 -29.66 -17.07 -16.53
N LYS A 10 -28.69 -16.76 -17.39
CA LYS A 10 -28.88 -16.94 -18.82
C LYS A 10 -29.12 -18.41 -19.14
N GLU A 11 -28.36 -19.27 -18.48
CA GLU A 11 -28.46 -20.71 -18.68
C GLU A 11 -29.82 -21.24 -18.21
N GLU A 12 -30.30 -20.71 -17.10
CA GLU A 12 -31.58 -21.15 -16.54
C GLU A 12 -32.83 -20.52 -17.15
N THR A 13 -32.77 -19.22 -17.42
CA THR A 13 -33.93 -18.51 -17.97
C THR A 13 -33.88 -18.18 -19.46
N GLY A 14 -32.70 -18.30 -20.05
CA GLY A 14 -32.55 -17.97 -21.46
C GLY A 14 -32.45 -16.47 -21.69
N LYS A 15 -32.62 -15.69 -20.63
CA LYS A 15 -32.53 -14.25 -20.71
C LYS A 15 -31.19 -13.79 -20.16
N ASN A 16 -30.87 -12.52 -20.36
CA ASN A 16 -29.61 -11.97 -19.84
C ASN A 16 -29.91 -11.34 -18.50
N ALA A 17 -28.97 -11.44 -17.57
CA ALA A 17 -29.17 -10.84 -16.26
C ALA A 17 -29.45 -9.36 -16.48
N ILE A 18 -28.74 -8.77 -17.45
CA ILE A 18 -28.91 -7.37 -17.77
C ILE A 18 -29.63 -7.25 -19.12
N PRO A 19 -30.74 -6.49 -19.14
CA PRO A 19 -31.35 -5.77 -18.03
C PRO A 19 -32.55 -6.47 -17.40
N PHE A 20 -32.88 -7.64 -17.93
CA PHE A 20 -34.03 -8.41 -17.47
C PHE A 20 -34.14 -8.66 -15.96
N TYR A 21 -33.01 -8.76 -15.27
CA TYR A 21 -33.04 -9.00 -13.83
C TYR A 21 -32.19 -8.03 -13.00
N ALA A 22 -31.55 -7.06 -13.65
CA ALA A 22 -30.70 -6.10 -12.95
C ALA A 22 -31.51 -5.01 -12.25
N PHE A 23 -32.71 -4.76 -12.74
CA PHE A 23 -33.59 -3.76 -12.15
C PHE A 23 -35.03 -4.22 -12.31
N TYR A 24 -35.41 -5.20 -11.50
CA TYR A 24 -36.77 -5.71 -11.55
C TYR A 24 -37.37 -5.57 -10.16
N GLY A 25 -38.66 -5.24 -10.10
CA GLY A 25 -39.34 -5.08 -8.82
C GLY A 25 -38.60 -4.28 -7.75
N CYS A 26 -38.78 -4.70 -6.51
CA CYS A 26 -38.17 -4.05 -5.35
C CYS A 26 -36.80 -4.59 -4.91
N TYR A 27 -36.50 -5.85 -5.24
CA TYR A 27 -35.26 -6.44 -4.80
C TYR A 27 -34.22 -6.90 -5.82
N CYS A 28 -34.61 -6.99 -7.08
CA CYS A 28 -33.66 -7.42 -8.11
C CYS A 28 -32.72 -6.27 -8.48
N GLY A 29 -31.42 -6.50 -8.33
CA GLY A 29 -30.46 -5.48 -8.66
C GLY A 29 -29.88 -4.88 -7.41
N TRP A 30 -29.24 -3.74 -7.53
CA TRP A 30 -28.64 -3.11 -6.36
C TRP A 30 -29.73 -2.61 -5.42
N GLY A 31 -29.41 -2.61 -4.14
CA GLY A 31 -30.37 -2.16 -3.14
C GLY A 31 -31.48 -3.16 -2.87
N GLY A 32 -32.62 -2.64 -2.43
CA GLY A 32 -33.75 -3.50 -2.13
C GLY A 32 -34.41 -3.11 -0.83
N GLN A 33 -35.74 -3.03 -0.84
CA GLN A 33 -36.51 -2.64 0.35
C GLN A 33 -38.01 -2.72 0.06
N GLY A 34 -38.82 -2.77 1.11
CA GLY A 34 -40.26 -2.87 0.91
C GLY A 34 -40.61 -4.33 0.83
N LYS A 35 -41.63 -4.69 0.04
CA LYS A 35 -41.99 -6.09 -0.08
C LYS A 35 -41.85 -6.56 -1.52
N PRO A 36 -41.45 -7.82 -1.75
CA PRO A 36 -41.28 -8.35 -3.11
C PRO A 36 -42.58 -8.17 -3.89
N LYS A 37 -42.47 -7.78 -5.16
CA LYS A 37 -43.66 -7.57 -5.99
C LYS A 37 -44.30 -8.84 -6.49
N ASP A 38 -43.49 -9.85 -6.76
CA ASP A 38 -44.02 -11.10 -7.27
C ASP A 38 -43.05 -12.24 -7.06
N GLY A 39 -43.36 -13.39 -7.67
CA GLY A 39 -42.52 -14.57 -7.53
C GLY A 39 -41.08 -14.24 -7.83
N THR A 40 -40.88 -13.70 -9.03
CA THR A 40 -39.57 -13.30 -9.52
C THR A 40 -38.85 -12.40 -8.52
N ASP A 41 -39.52 -11.33 -8.10
CA ASP A 41 -38.96 -10.38 -7.16
C ASP A 41 -38.59 -11.06 -5.85
N ARG A 42 -39.35 -12.09 -5.47
CA ARG A 42 -39.06 -12.82 -4.24
C ARG A 42 -37.72 -13.58 -4.37
N CYS A 43 -37.48 -14.16 -5.54
CA CYS A 43 -36.23 -14.87 -5.80
C CYS A 43 -35.04 -13.97 -5.44
N CYS A 44 -35.14 -12.70 -5.83
CA CYS A 44 -34.10 -11.71 -5.58
C CYS A 44 -33.99 -11.36 -4.11
N PHE A 45 -35.14 -11.33 -3.44
CA PHE A 45 -35.20 -11.02 -2.01
C PHE A 45 -34.47 -12.08 -1.22
N VAL A 46 -34.78 -13.34 -1.52
CA VAL A 46 -34.17 -14.46 -0.83
C VAL A 46 -32.67 -14.51 -1.06
N HIS A 47 -32.26 -14.21 -2.29
CA HIS A 47 -30.84 -14.22 -2.63
C HIS A 47 -30.10 -13.22 -1.75
N ASP A 48 -30.75 -12.08 -1.51
CA ASP A 48 -30.16 -11.04 -0.67
C ASP A 48 -29.97 -11.59 0.73
N CYS A 49 -30.98 -12.27 1.24
CA CYS A 49 -30.92 -12.87 2.56
C CYS A 49 -29.75 -13.82 2.56
N CYS A 50 -29.70 -14.66 1.52
CA CYS A 50 -28.64 -15.64 1.36
C CYS A 50 -27.27 -15.03 1.52
N TYR A 51 -27.01 -13.98 0.73
CA TYR A 51 -25.72 -13.28 0.77
C TYR A 51 -25.52 -12.64 2.14
N GLY A 52 -26.62 -12.27 2.77
CA GLY A 52 -26.55 -11.65 4.07
C GLY A 52 -25.96 -12.59 5.09
N ARG A 53 -26.19 -13.87 4.90
CA ARG A 53 -25.69 -14.89 5.82
C ARG A 53 -24.19 -15.08 5.71
N LEU A 54 -23.61 -14.62 4.60
CA LEU A 54 -22.17 -14.76 4.35
C LEU A 54 -21.43 -13.46 4.68
N VAL A 55 -21.60 -13.00 5.91
CA VAL A 55 -20.99 -11.76 6.35
C VAL A 55 -19.49 -11.58 6.03
N ASN A 56 -18.73 -12.66 6.01
CA ASN A 56 -17.31 -12.52 5.76
C ASN A 56 -16.80 -13.09 4.45
N CYS A 57 -17.63 -13.08 3.41
CA CYS A 57 -17.23 -13.57 2.10
C CYS A 57 -17.39 -12.47 1.06
N ASN A 58 -16.50 -12.43 0.08
CA ASN A 58 -16.61 -11.44 -0.97
C ASN A 58 -17.61 -12.03 -1.96
N THR A 59 -18.87 -12.04 -1.55
CA THR A 59 -19.97 -12.60 -2.31
C THR A 59 -20.08 -12.16 -3.77
N LYS A 60 -19.71 -10.92 -4.05
CA LYS A 60 -19.83 -10.43 -5.42
C LYS A 60 -18.69 -10.71 -6.38
N SER A 61 -17.46 -10.73 -5.87
CA SER A 61 -16.29 -10.97 -6.72
C SER A 61 -15.61 -12.34 -6.60
N ASP A 62 -15.78 -13.01 -5.46
CA ASP A 62 -15.17 -14.32 -5.27
C ASP A 62 -15.55 -15.26 -6.39
N ILE A 63 -14.55 -15.80 -7.08
CA ILE A 63 -14.79 -16.72 -8.18
C ILE A 63 -14.83 -18.14 -7.65
N TYR A 64 -15.96 -18.81 -7.89
CA TYR A 64 -16.10 -20.18 -7.41
C TYR A 64 -16.10 -21.17 -8.55
N SER A 65 -16.17 -22.44 -8.18
CA SER A 65 -16.17 -23.53 -9.15
C SER A 65 -17.55 -24.16 -9.22
N TYR A 66 -18.07 -24.33 -10.42
CA TYR A 66 -19.37 -24.95 -10.60
C TYR A 66 -19.36 -25.60 -11.96
N SER A 67 -20.42 -26.32 -12.30
CA SER A 67 -20.48 -26.97 -13.59
C SER A 67 -21.87 -27.52 -13.88
N LEU A 68 -22.20 -27.68 -15.16
CA LEU A 68 -23.50 -28.21 -15.57
C LEU A 68 -23.43 -29.72 -15.68
N LYS A 69 -23.53 -30.38 -14.54
CA LYS A 69 -23.50 -31.84 -14.48
C LYS A 69 -24.83 -32.35 -15.01
N GLU A 70 -24.82 -32.82 -16.26
CA GLU A 70 -26.03 -33.34 -16.88
C GLU A 70 -27.16 -32.28 -16.82
N GLY A 71 -26.96 -31.19 -17.55
CA GLY A 71 -27.95 -30.11 -17.60
C GLY A 71 -28.42 -29.64 -16.23
N TYR A 72 -27.57 -29.82 -15.23
CA TYR A 72 -27.88 -29.42 -13.85
C TYR A 72 -26.74 -28.59 -13.29
N ILE A 73 -27.02 -27.36 -12.89
CA ILE A 73 -25.99 -26.51 -12.32
C ILE A 73 -25.59 -27.08 -10.96
N THR A 74 -24.35 -27.55 -10.85
CA THR A 74 -23.85 -28.13 -9.62
C THR A 74 -22.62 -27.37 -9.12
N CYS A 75 -22.59 -27.04 -7.83
CA CYS A 75 -21.47 -26.31 -7.26
C CYS A 75 -20.31 -27.23 -6.97
N GLY A 76 -19.11 -26.79 -7.36
CA GLY A 76 -17.93 -27.58 -7.14
C GLY A 76 -17.38 -27.36 -5.75
N LYS A 77 -16.33 -28.11 -5.42
CA LYS A 77 -15.70 -28.03 -4.11
C LYS A 77 -14.60 -26.99 -4.04
N GLY A 78 -14.65 -26.12 -3.03
CA GLY A 78 -13.64 -25.09 -2.87
C GLY A 78 -13.56 -24.64 -1.43
N THR A 79 -13.77 -23.35 -1.19
CA THR A 79 -13.74 -22.82 0.17
C THR A 79 -15.19 -22.66 0.66
N ASN A 80 -15.41 -22.60 1.97
CA ASN A 80 -16.78 -22.45 2.50
C ASN A 80 -17.49 -21.30 1.80
N CYS A 81 -16.75 -20.21 1.59
CA CYS A 81 -17.35 -19.04 0.95
C CYS A 81 -17.77 -19.36 -0.46
N GLU A 82 -16.84 -19.89 -1.25
CA GLU A 82 -17.15 -20.22 -2.64
C GLU A 82 -18.36 -21.15 -2.71
N GLU A 83 -18.31 -22.24 -1.94
CA GLU A 83 -19.41 -23.19 -1.94
C GLU A 83 -20.73 -22.54 -1.51
N GLN A 84 -20.67 -21.68 -0.50
CA GLN A 84 -21.87 -20.99 -0.03
C GLN A 84 -22.40 -19.98 -1.04
N ILE A 85 -21.51 -19.13 -1.58
CA ILE A 85 -21.88 -18.12 -2.57
C ILE A 85 -22.50 -18.78 -3.80
N CYS A 86 -21.86 -19.87 -4.22
CA CYS A 86 -22.33 -20.62 -5.38
C CYS A 86 -23.77 -21.13 -5.17
N GLU A 87 -24.05 -21.64 -3.98
CA GLU A 87 -25.38 -22.16 -3.67
C GLU A 87 -26.46 -21.07 -3.76
N CYS A 88 -26.15 -19.88 -3.22
CA CYS A 88 -27.10 -18.78 -3.30
C CYS A 88 -27.37 -18.53 -4.78
N ASP A 89 -26.31 -18.37 -5.57
CA ASP A 89 -26.43 -18.13 -6.99
C ASP A 89 -27.21 -19.25 -7.67
N ARG A 90 -26.86 -20.48 -7.35
CA ARG A 90 -27.51 -21.64 -7.94
C ARG A 90 -29.03 -21.62 -7.74
N VAL A 91 -29.44 -21.49 -6.49
CA VAL A 91 -30.86 -21.47 -6.16
C VAL A 91 -31.63 -20.31 -6.81
N ALA A 92 -31.03 -19.12 -6.82
CA ALA A 92 -31.64 -17.94 -7.43
C ALA A 92 -31.90 -18.14 -8.92
N ALA A 93 -30.87 -18.62 -9.62
CA ALA A 93 -31.00 -18.84 -11.05
C ALA A 93 -32.19 -19.74 -11.37
N GLU A 94 -32.38 -20.78 -10.59
CA GLU A 94 -33.47 -21.72 -10.81
C GLU A 94 -34.82 -21.17 -10.39
N CYS A 95 -34.80 -20.35 -9.34
CA CYS A 95 -36.02 -19.72 -8.85
C CYS A 95 -36.57 -18.81 -9.93
N PHE A 96 -35.67 -18.20 -10.69
CA PHE A 96 -36.08 -17.31 -11.76
C PHE A 96 -36.82 -18.15 -12.80
N ARG A 97 -36.26 -19.31 -13.11
CA ARG A 97 -36.89 -20.18 -14.10
C ARG A 97 -38.28 -20.61 -13.66
N ARG A 98 -38.40 -21.05 -12.42
CA ARG A 98 -39.68 -21.50 -11.90
C ARG A 98 -40.72 -20.39 -11.93
N ASN A 99 -40.28 -19.15 -11.93
CA ASN A 99 -41.21 -18.02 -11.91
C ASN A 99 -41.38 -17.28 -13.22
N LEU A 100 -40.88 -17.87 -14.30
CA LEU A 100 -40.95 -17.29 -15.62
C LEU A 100 -42.37 -16.99 -16.05
N ASP A 101 -43.29 -17.87 -15.66
CA ASP A 101 -44.71 -17.74 -16.01
C ASP A 101 -45.36 -16.48 -15.45
N THR A 102 -44.86 -15.96 -14.33
CA THR A 102 -45.45 -14.76 -13.77
C THR A 102 -44.54 -13.56 -13.94
N TYR A 103 -43.53 -13.70 -14.80
CA TYR A 103 -42.61 -12.59 -15.06
C TYR A 103 -43.36 -11.42 -15.69
N ASN A 104 -43.22 -10.24 -15.11
CA ASN A 104 -43.91 -9.06 -15.60
C ASN A 104 -42.96 -7.98 -16.10
N ASN A 105 -43.01 -7.71 -17.40
CA ASN A 105 -42.15 -6.69 -18.01
C ASN A 105 -42.46 -5.32 -17.42
N GLY A 106 -43.66 -5.17 -16.86
CA GLY A 106 -44.03 -3.91 -16.26
C GLY A 106 -43.26 -3.67 -14.97
N TYR A 107 -42.61 -4.71 -14.47
CA TYR A 107 -41.85 -4.61 -13.24
C TYR A 107 -40.36 -4.34 -13.51
N MET A 108 -39.98 -4.49 -14.77
CA MET A 108 -38.61 -4.20 -15.20
C MET A 108 -38.51 -2.69 -15.04
N PHE A 109 -37.40 -2.19 -14.51
CA PHE A 109 -37.24 -0.75 -14.29
C PHE A 109 -38.27 -0.19 -13.31
N TYR A 110 -38.57 -0.96 -12.27
CA TYR A 110 -39.53 -0.51 -11.27
C TYR A 110 -38.84 0.47 -10.35
N ARG A 111 -39.44 1.65 -10.19
CA ARG A 111 -38.89 2.68 -9.31
C ARG A 111 -38.81 2.18 -7.87
N ASP A 112 -37.65 2.32 -7.24
CA ASP A 112 -37.46 1.89 -5.86
C ASP A 112 -38.29 2.76 -4.91
N SER A 113 -38.68 3.93 -5.40
CA SER A 113 -39.48 4.86 -4.62
C SER A 113 -40.89 4.33 -4.41
N LYS A 114 -41.34 3.47 -5.33
CA LYS A 114 -42.67 2.87 -5.25
C LYS A 114 -42.64 1.66 -4.34
N CYS A 115 -41.49 1.43 -3.72
CA CYS A 115 -41.32 0.30 -2.81
C CYS A 115 -41.47 0.75 -1.39
N THR A 116 -42.43 1.63 -1.11
CA THR A 116 -42.60 2.10 0.24
C THR A 116 -43.62 1.32 1.04
N GLU A 117 -43.08 0.51 1.94
CA GLU A 117 -43.85 -0.35 2.83
C GLU A 117 -42.82 -0.97 3.75
N THR A 118 -43.28 -1.50 4.88
CA THR A 118 -42.38 -2.13 5.85
C THR A 118 -41.60 -3.24 5.17
N SER A 119 -40.32 -2.97 4.91
CA SER A 119 -39.46 -3.95 4.25
C SER A 119 -39.52 -5.27 5.00
N GLU A 120 -39.67 -6.36 4.26
CA GLU A 120 -39.76 -7.71 4.82
C GLU A 120 -38.51 -8.15 5.57
N GLU A 121 -38.65 -9.20 6.37
CA GLU A 121 -37.54 -9.74 7.14
C GLU A 121 -37.05 -11.06 6.57
N CYS A 122 -35.76 -11.33 6.77
CA CYS A 122 -35.15 -12.57 6.27
C CYS A 122 -35.44 -13.72 7.20
N ASN B 1 14.28 17.47 10.49
CA ASN B 1 13.08 17.15 11.31
C ASN B 1 13.16 17.85 12.66
N LEU B 2 12.01 17.94 13.32
CA LEU B 2 11.90 18.62 14.60
C LEU B 2 12.95 18.27 15.63
N LEU B 3 13.37 17.01 15.62
CA LEU B 3 14.39 16.58 16.56
C LEU B 3 15.71 17.30 16.37
N GLN B 4 16.09 17.52 15.11
CA GLN B 4 17.34 18.21 14.77
C GLN B 4 17.20 19.69 15.14
N PHE B 5 16.04 20.25 14.85
CA PHE B 5 15.76 21.64 15.16
C PHE B 5 15.98 21.83 16.65
N ASN B 6 15.43 20.91 17.44
CA ASN B 6 15.54 20.92 18.89
C ASN B 6 17.02 20.98 19.27
N LYS B 7 17.81 20.12 18.61
CA LYS B 7 19.23 20.07 18.87
C LYS B 7 19.85 21.44 18.65
N MET B 8 19.54 22.04 17.51
CA MET B 8 20.06 23.36 17.16
C MET B 8 19.75 24.39 18.23
N ILE B 9 18.49 24.43 18.65
CA ILE B 9 18.05 25.37 19.67
C ILE B 9 18.88 25.22 20.94
N LYS B 10 19.07 23.98 21.37
CA LYS B 10 19.86 23.71 22.56
C LYS B 10 21.30 24.20 22.38
N GLU B 11 21.82 24.02 21.17
CA GLU B 11 23.19 24.42 20.83
C GLU B 11 23.38 25.93 20.87
N GLU B 12 22.49 26.63 20.18
CA GLU B 12 22.55 28.09 20.08
C GLU B 12 22.17 28.84 21.35
N THR B 13 21.10 28.41 22.02
CA THR B 13 20.63 29.09 23.22
C THR B 13 21.01 28.43 24.54
N GLY B 14 21.32 27.14 24.50
CA GLY B 14 21.69 26.47 25.73
C GLY B 14 20.48 25.94 26.47
N LYS B 15 19.30 26.43 26.11
CA LYS B 15 18.08 25.99 26.73
C LYS B 15 17.47 24.84 25.94
N ASN B 16 16.53 24.13 26.54
CA ASN B 16 15.89 23.02 25.87
C ASN B 16 14.68 23.52 25.13
N ALA B 17 14.45 22.98 23.93
CA ALA B 17 13.30 23.38 23.13
C ALA B 17 12.08 23.34 24.06
N ILE B 18 11.97 22.26 24.82
CA ILE B 18 10.87 22.11 25.76
C ILE B 18 11.42 22.35 27.15
N PRO B 19 10.76 23.22 27.93
CA PRO B 19 9.54 23.95 27.54
C PRO B 19 9.81 25.32 26.96
N PHE B 20 11.03 25.79 27.12
CA PHE B 20 11.41 27.13 26.69
C PHE B 20 10.94 27.65 25.35
N TYR B 21 10.82 26.79 24.34
CA TYR B 21 10.37 27.26 23.04
C TYR B 21 9.16 26.51 22.49
N ALA B 22 8.64 25.58 23.27
CA ALA B 22 7.49 24.81 22.85
C ALA B 22 6.20 25.55 23.17
N PHE B 23 6.24 26.35 24.22
CA PHE B 23 5.06 27.10 24.66
C PHE B 23 5.42 28.56 24.97
N TYR B 24 5.83 29.30 23.95
CA TYR B 24 6.20 30.70 24.15
C TYR B 24 5.44 31.65 23.25
N GLY B 25 5.00 32.76 23.84
CA GLY B 25 4.27 33.76 23.10
C GLY B 25 3.10 33.21 22.31
N CYS B 26 2.82 33.84 21.17
CA CYS B 26 1.72 33.44 20.31
C CYS B 26 2.12 32.51 19.17
N TYR B 27 3.41 32.48 18.84
CA TYR B 27 3.88 31.66 17.73
C TYR B 27 4.84 30.51 18.04
N CYS B 28 5.51 30.55 19.18
CA CYS B 28 6.42 29.47 19.52
C CYS B 28 5.65 28.28 20.08
N GLY B 29 5.49 27.24 19.26
CA GLY B 29 4.75 26.04 19.67
C GLY B 29 3.79 25.61 18.57
N TRP B 30 3.05 24.53 18.79
CA TRP B 30 2.11 24.03 17.78
C TRP B 30 1.12 25.06 17.27
N GLY B 31 1.36 25.57 16.06
CA GLY B 31 0.47 26.58 15.50
C GLY B 31 0.68 27.94 16.14
N GLY B 32 -0.09 28.93 15.66
CA GLY B 32 0.01 30.28 16.16
C GLY B 32 -1.03 31.20 15.56
N GLN B 33 -1.11 32.43 16.08
CA GLN B 33 -2.08 33.41 15.60
C GLN B 33 -1.89 34.70 16.39
N GLY B 34 -2.44 35.79 15.85
CA GLY B 34 -2.33 37.08 16.51
C GLY B 34 -1.05 37.77 16.07
N LYS B 35 -0.41 38.48 16.99
CA LYS B 35 0.84 39.16 16.65
C LYS B 35 1.92 38.70 17.60
N PRO B 36 3.16 38.56 17.09
CA PRO B 36 4.27 38.12 17.95
C PRO B 36 4.40 39.03 19.17
N LYS B 37 4.51 38.44 20.35
CA LYS B 37 4.64 39.21 21.56
C LYS B 37 5.96 39.99 21.67
N ASP B 38 7.06 39.37 21.25
CA ASP B 38 8.36 40.02 21.35
C ASP B 38 9.35 39.52 20.30
N GLY B 39 10.62 39.88 20.48
CA GLY B 39 11.66 39.47 19.56
C GLY B 39 11.74 37.98 19.37
N THR B 40 11.73 37.25 20.48
CA THR B 40 11.80 35.80 20.44
C THR B 40 10.56 35.22 19.75
N ASP B 41 9.39 35.74 20.11
CA ASP B 41 8.15 35.26 19.52
C ASP B 41 8.09 35.54 18.03
N ARG B 42 8.86 36.52 17.60
CA ARG B 42 8.93 36.88 16.19
C ARG B 42 9.76 35.83 15.45
N CYS B 43 10.78 35.30 16.13
CA CYS B 43 11.62 34.28 15.53
C CYS B 43 10.77 33.08 15.15
N CYS B 44 9.77 32.78 15.96
CA CYS B 44 8.91 31.64 15.68
C CYS B 44 7.95 31.97 14.55
N PHE B 45 7.49 33.21 14.52
CA PHE B 45 6.58 33.66 13.47
C PHE B 45 7.21 33.55 12.09
N VAL B 46 8.45 34.01 11.97
CA VAL B 46 9.16 33.94 10.70
C VAL B 46 9.43 32.48 10.31
N HIS B 47 9.69 31.63 11.31
CA HIS B 47 9.95 30.22 11.07
C HIS B 47 8.73 29.63 10.36
N ASP B 48 7.54 29.96 10.88
CA ASP B 48 6.29 29.47 10.30
C ASP B 48 6.21 29.87 8.84
N CYS B 49 6.46 31.14 8.55
CA CYS B 49 6.42 31.64 7.18
C CYS B 49 7.39 30.83 6.34
N CYS B 50 8.61 30.68 6.86
CA CYS B 50 9.65 29.89 6.20
C CYS B 50 9.13 28.52 5.79
N TYR B 51 8.60 27.78 6.77
CA TYR B 51 8.06 26.46 6.51
C TYR B 51 6.89 26.60 5.54
N GLY B 52 6.17 27.71 5.69
CA GLY B 52 5.02 27.98 4.83
C GLY B 52 5.38 28.05 3.35
N ARG B 53 6.64 28.38 3.06
CA ARG B 53 7.10 28.49 1.69
C ARG B 53 7.51 27.13 1.10
N LEU B 54 7.57 26.11 1.93
CA LEU B 54 7.94 24.78 1.47
C LEU B 54 6.71 23.89 1.43
N VAL B 55 5.73 24.33 0.67
CA VAL B 55 4.45 23.66 0.49
C VAL B 55 4.46 22.14 0.29
N ASN B 56 5.46 21.64 -0.43
CA ASN B 56 5.54 20.22 -0.74
C ASN B 56 6.67 19.49 -0.01
N CYS B 57 7.15 20.07 1.07
CA CYS B 57 8.22 19.44 1.83
C CYS B 57 7.71 18.94 3.19
N ASN B 58 8.29 17.83 3.66
CA ASN B 58 7.94 17.27 4.95
C ASN B 58 8.75 18.01 5.99
N THR B 59 8.43 19.28 6.13
CA THR B 59 9.11 20.19 7.01
C THR B 59 9.43 19.71 8.41
N LYS B 60 8.54 18.92 8.99
CA LYS B 60 8.75 18.45 10.35
C LYS B 60 9.42 17.10 10.55
N SER B 61 9.20 16.16 9.62
CA SER B 61 9.77 14.81 9.75
C SER B 61 10.98 14.50 8.88
N ASP B 62 11.16 15.28 7.81
CA ASP B 62 12.28 15.09 6.90
C ASP B 62 13.59 15.32 7.61
N ILE B 63 14.46 14.31 7.56
CA ILE B 63 15.77 14.40 8.20
C ILE B 63 16.73 15.02 7.18
N TYR B 64 17.48 16.02 7.61
CA TYR B 64 18.41 16.66 6.72
C TYR B 64 19.83 16.53 7.23
N SER B 65 20.76 16.99 6.42
CA SER B 65 22.17 16.91 6.76
C SER B 65 22.66 18.25 7.27
N TYR B 66 23.35 18.24 8.41
CA TYR B 66 23.86 19.48 8.96
C TYR B 66 24.99 19.19 9.92
N SER B 67 25.79 20.20 10.24
CA SER B 67 26.90 19.99 11.14
C SER B 67 27.38 21.28 11.75
N LEU B 68 28.19 21.16 12.80
CA LEU B 68 28.76 22.29 13.50
C LEU B 68 30.16 22.50 12.96
N LYS B 69 30.25 23.36 11.96
CA LYS B 69 31.52 23.67 11.33
C LYS B 69 32.11 24.89 12.04
N GLU B 70 33.12 24.66 12.86
CA GLU B 70 33.76 25.77 13.56
C GLU B 70 32.76 26.51 14.44
N GLY B 71 32.10 25.79 15.34
CA GLY B 71 31.13 26.40 16.23
C GLY B 71 30.01 27.12 15.50
N TYR B 72 29.77 26.74 14.25
CA TYR B 72 28.73 27.36 13.44
C TYR B 72 27.83 26.31 12.82
N ILE B 73 26.52 26.45 13.00
CA ILE B 73 25.59 25.50 12.43
C ILE B 73 25.54 25.67 10.91
N THR B 74 26.04 24.66 10.20
CA THR B 74 26.06 24.69 8.74
C THR B 74 25.12 23.63 8.19
N CYS B 75 24.43 23.94 7.11
CA CYS B 75 23.53 22.98 6.51
C CYS B 75 24.30 22.20 5.44
N GLY B 76 24.08 20.90 5.41
CA GLY B 76 24.77 20.05 4.45
C GLY B 76 24.00 19.94 3.16
N LYS B 77 24.59 19.23 2.21
CA LYS B 77 23.98 19.04 0.90
C LYS B 77 23.02 17.87 0.94
N GLY B 78 21.89 18.01 0.28
CA GLY B 78 20.90 16.95 0.22
C GLY B 78 19.91 17.30 -0.85
N THR B 79 18.63 17.35 -0.49
CA THR B 79 17.56 17.68 -1.43
C THR B 79 17.14 19.16 -1.24
N ASN B 80 16.46 19.75 -2.23
CA ASN B 80 16.01 21.14 -2.10
C ASN B 80 15.30 21.28 -0.77
N CYS B 81 14.34 20.40 -0.51
CA CYS B 81 13.58 20.44 0.73
C CYS B 81 14.47 20.38 1.96
N GLU B 82 15.29 19.34 2.03
CA GLU B 82 16.17 19.19 3.17
C GLU B 82 16.95 20.47 3.40
N GLU B 83 17.59 20.98 2.35
CA GLU B 83 18.38 22.20 2.44
C GLU B 83 17.59 23.44 2.85
N GLN B 84 16.36 23.55 2.35
CA GLN B 84 15.49 24.68 2.66
C GLN B 84 14.98 24.56 4.10
N ILE B 85 14.54 23.36 4.48
CA ILE B 85 14.03 23.10 5.83
C ILE B 85 15.16 23.36 6.83
N CYS B 86 16.37 22.94 6.48
CA CYS B 86 17.52 23.12 7.37
C CYS B 86 17.80 24.60 7.56
N GLU B 87 17.68 25.39 6.48
CA GLU B 87 17.93 26.84 6.55
C GLU B 87 16.90 27.53 7.44
N CYS B 88 15.65 27.07 7.39
CA CYS B 88 14.60 27.63 8.23
C CYS B 88 14.97 27.40 9.70
N ASP B 89 15.37 26.18 10.02
CA ASP B 89 15.75 25.81 11.38
C ASP B 89 16.96 26.58 11.87
N ARG B 90 18.02 26.58 11.06
CA ARG B 90 19.26 27.26 11.43
C ARG B 90 19.04 28.72 11.83
N VAL B 91 18.42 29.48 10.94
CA VAL B 91 18.17 30.89 11.21
C VAL B 91 17.32 31.10 12.46
N ALA B 92 16.29 30.29 12.64
CA ALA B 92 15.43 30.43 13.81
C ALA B 92 16.24 30.17 15.09
N ALA B 93 17.05 29.10 15.09
CA ALA B 93 17.85 28.77 16.26
C ALA B 93 18.76 29.94 16.64
N GLU B 94 19.33 30.61 15.63
CA GLU B 94 20.20 31.74 15.88
C GLU B 94 19.40 32.99 16.26
N CYS B 95 18.21 33.12 15.68
CA CYS B 95 17.34 34.25 15.99
C CYS B 95 17.03 34.24 17.48
N PHE B 96 16.84 33.05 18.03
CA PHE B 96 16.54 32.92 19.44
C PHE B 96 17.73 33.47 20.22
N ARG B 97 18.92 33.01 19.86
CA ARG B 97 20.14 33.46 20.51
C ARG B 97 20.27 34.98 20.55
N ARG B 98 19.92 35.64 19.46
CA ARG B 98 20.01 37.09 19.39
C ARG B 98 18.99 37.76 20.30
N ASN B 99 17.88 37.11 20.56
CA ASN B 99 16.85 37.71 21.42
C ASN B 99 16.82 37.19 22.85
N LEU B 100 17.86 36.45 23.25
CA LEU B 100 17.91 35.92 24.59
C LEU B 100 17.73 37.02 25.61
N ASP B 101 18.38 38.16 25.37
CA ASP B 101 18.31 39.29 26.29
C ASP B 101 16.90 39.78 26.59
N THR B 102 15.97 39.70 25.64
CA THR B 102 14.62 40.15 25.91
C THR B 102 13.66 38.99 26.17
N TYR B 103 14.22 37.80 26.39
CA TYR B 103 13.40 36.63 26.67
C TYR B 103 12.63 36.86 27.97
N ASN B 104 11.31 36.71 27.91
CA ASN B 104 10.48 36.94 29.09
C ASN B 104 9.71 35.71 29.57
N ASN B 105 10.06 35.27 30.78
CA ASN B 105 9.44 34.11 31.40
C ASN B 105 7.93 34.26 31.45
N GLY B 106 7.48 35.50 31.51
CA GLY B 106 6.06 35.75 31.57
C GLY B 106 5.33 35.44 30.27
N TYR B 107 6.10 35.07 29.25
CA TYR B 107 5.52 34.76 27.94
C TYR B 107 5.41 33.26 27.75
N MET B 108 6.03 32.55 28.68
CA MET B 108 6.01 31.11 28.68
C MET B 108 4.59 30.67 29.01
N PHE B 109 4.15 29.56 28.43
CA PHE B 109 2.83 29.03 28.67
C PHE B 109 1.79 30.12 28.47
N TYR B 110 1.97 30.85 27.36
CA TYR B 110 1.05 31.92 27.01
C TYR B 110 -0.15 31.33 26.28
N ARG B 111 -1.32 31.39 26.92
CA ARG B 111 -2.57 30.90 26.33
C ARG B 111 -2.76 31.66 25.03
N ASP B 112 -2.95 30.98 23.91
CA ASP B 112 -3.11 31.78 22.72
C ASP B 112 -4.52 32.35 22.57
N SER B 113 -5.24 32.32 23.69
CA SER B 113 -6.59 32.89 23.76
C SER B 113 -6.36 34.39 23.99
N LYS B 114 -5.19 34.71 24.51
CA LYS B 114 -4.76 36.09 24.79
C LYS B 114 -4.09 36.66 23.54
N CYS B 115 -4.10 35.84 22.49
CA CYS B 115 -3.52 36.17 21.19
C CYS B 115 -4.62 36.56 20.21
N THR B 116 -5.53 37.41 20.67
CA THR B 116 -6.63 37.84 19.83
C THR B 116 -6.37 39.19 19.19
N GLU B 117 -5.93 39.16 17.95
CA GLU B 117 -5.65 40.37 17.19
C GLU B 117 -5.48 39.90 15.77
N THR B 118 -5.73 40.78 14.82
CA THR B 118 -5.58 40.40 13.42
C THR B 118 -4.18 39.79 13.28
N SER B 119 -4.14 38.52 12.91
CA SER B 119 -2.89 37.81 12.76
C SER B 119 -2.06 38.47 11.67
N GLU B 120 -0.75 38.59 11.92
CA GLU B 120 0.14 39.23 10.96
C GLU B 120 0.30 38.46 9.67
N GLU B 121 0.79 39.15 8.65
CA GLU B 121 0.99 38.55 7.34
C GLU B 121 2.45 38.17 7.13
N CYS B 122 2.65 37.05 6.45
CA CYS B 122 3.98 36.56 6.18
C CYS B 122 4.67 37.44 5.16
N ASN C 1 -2.18 6.31 8.33
CA ASN C 1 -1.53 7.60 8.00
C ASN C 1 -1.28 8.38 9.29
N LEU C 2 -0.02 8.64 9.61
CA LEU C 2 0.33 9.36 10.83
C LEU C 2 -0.55 10.56 11.18
N LEU C 3 -1.13 11.18 10.18
CA LEU C 3 -1.98 12.32 10.44
C LEU C 3 -3.22 11.84 11.17
N GLN C 4 -3.72 10.69 10.74
CA GLN C 4 -4.93 10.09 11.33
C GLN C 4 -4.59 9.57 12.69
N PHE C 5 -3.34 9.18 12.86
CA PHE C 5 -2.87 8.68 14.14
C PHE C 5 -2.86 9.83 15.13
N ASN C 6 -2.30 10.96 14.72
CA ASN C 6 -2.25 12.15 15.57
C ASN C 6 -3.63 12.58 16.01
N LYS C 7 -4.61 12.37 15.15
CA LYS C 7 -5.96 12.74 15.46
C LYS C 7 -6.42 11.85 16.60
N MET C 8 -6.19 10.55 16.44
CA MET C 8 -6.56 9.54 17.43
C MET C 8 -5.96 9.87 18.80
N ILE C 9 -4.71 10.29 18.81
CA ILE C 9 -4.01 10.66 20.04
C ILE C 9 -4.68 11.87 20.70
N LYS C 10 -4.98 12.87 19.89
CA LYS C 10 -5.63 14.07 20.38
C LYS C 10 -6.99 13.72 21.00
N GLU C 11 -7.78 12.97 20.26
CA GLU C 11 -9.10 12.56 20.70
C GLU C 11 -9.10 11.78 22.00
N GLU C 12 -8.25 10.77 22.08
CA GLU C 12 -8.18 9.92 23.25
C GLU C 12 -7.54 10.54 24.49
N THR C 13 -6.43 11.25 24.30
CA THR C 13 -5.72 11.85 25.42
C THR C 13 -5.98 13.33 25.63
N GLY C 14 -6.61 13.97 24.67
CA GLY C 14 -6.88 15.39 24.79
C GLY C 14 -5.63 16.23 24.56
N LYS C 15 -4.49 15.57 24.42
CA LYS C 15 -3.22 16.25 24.18
C LYS C 15 -2.82 16.15 22.71
N ASN C 16 -1.87 16.99 22.32
CA ASN C 16 -1.38 16.99 20.94
C ASN C 16 -0.18 16.06 20.79
N ALA C 17 -0.16 15.29 19.71
CA ALA C 17 0.92 14.36 19.46
C ALA C 17 2.22 15.09 19.70
N ILE C 18 2.28 16.31 19.18
CA ILE C 18 3.47 17.14 19.35
C ILE C 18 3.09 18.27 20.30
N PRO C 19 3.92 18.53 21.31
CA PRO C 19 5.18 17.84 21.63
C PRO C 19 5.04 16.68 22.58
N PHE C 20 3.88 16.58 23.21
CA PHE C 20 3.59 15.55 24.20
C PHE C 20 3.97 14.10 23.97
N TYR C 21 3.93 13.62 22.72
CA TYR C 21 4.29 12.24 22.47
C TYR C 21 5.39 12.08 21.43
N ALA C 22 5.74 13.18 20.76
CA ALA C 22 6.78 13.12 19.74
C ALA C 22 8.17 12.83 20.31
N PHE C 23 8.44 13.32 21.51
CA PHE C 23 9.76 13.13 22.11
C PHE C 23 9.66 12.54 23.51
N TYR C 24 8.88 11.49 23.69
CA TYR C 24 8.71 10.91 25.02
C TYR C 24 9.47 9.61 25.28
N GLY C 25 10.19 9.57 26.39
CA GLY C 25 10.92 8.37 26.76
C GLY C 25 11.93 7.89 25.73
N CYS C 26 12.05 6.58 25.59
CA CYS C 26 13.00 6.02 24.64
C CYS C 26 12.41 5.54 23.33
N TYR C 27 11.09 5.41 23.24
CA TYR C 27 10.52 4.90 22.00
C TYR C 27 9.49 5.76 21.29
N CYS C 28 9.05 6.83 21.93
CA CYS C 28 8.06 7.69 21.30
C CYS C 28 8.74 8.64 20.33
N GLY C 29 8.08 8.89 19.20
CA GLY C 29 8.63 9.80 18.22
C GLY C 29 9.67 9.12 17.36
N TRP C 30 10.84 9.74 17.22
CA TRP C 30 11.88 9.11 16.43
C TRP C 30 12.47 7.98 17.25
N GLY C 31 11.52 7.14 17.68
CA GLY C 31 11.71 5.94 18.48
C GLY C 31 13.06 5.77 19.10
N GLY C 32 13.64 4.60 18.90
CA GLY C 32 14.94 4.42 19.48
C GLY C 32 15.35 3.05 19.92
N GLN C 33 15.85 2.99 21.14
CA GLN C 33 16.35 1.75 21.72
C GLN C 33 16.45 1.86 23.23
N GLY C 34 16.84 0.78 23.87
CA GLY C 34 16.94 0.78 25.30
C GLY C 34 15.66 0.15 25.76
N LYS C 35 15.27 0.40 27.00
CA LYS C 35 14.04 -0.18 27.50
C LYS C 35 13.00 0.92 27.72
N PRO C 36 11.74 0.62 27.41
CA PRO C 36 10.68 1.62 27.61
C PRO C 36 10.75 2.13 29.05
N LYS C 37 10.70 3.45 29.21
CA LYS C 37 10.79 4.10 30.52
C LYS C 37 9.59 3.84 31.44
N ASP C 38 8.39 3.90 30.89
CA ASP C 38 7.20 3.69 31.68
C ASP C 38 6.02 3.16 30.86
N GLY C 39 4.86 3.11 31.50
CA GLY C 39 3.68 2.63 30.83
C GLY C 39 3.48 3.32 29.51
N THR C 40 3.44 4.65 29.53
CA THR C 40 3.25 5.40 28.30
C THR C 40 4.29 5.05 27.25
N ASP C 41 5.56 5.14 27.65
CA ASP C 41 6.66 4.85 26.74
C ASP C 41 6.55 3.46 26.08
N ARG C 42 6.04 2.50 26.82
CA ARG C 42 5.89 1.15 26.30
C ARG C 42 4.82 1.14 25.20
N CYS C 43 3.86 2.05 25.32
CA CYS C 43 2.79 2.13 24.34
C CYS C 43 3.43 2.33 22.99
N CYS C 44 4.45 3.17 22.99
CA CYS C 44 5.19 3.51 21.79
C CYS C 44 5.98 2.32 21.30
N PHE C 45 6.59 1.61 22.24
CA PHE C 45 7.40 0.44 21.90
C PHE C 45 6.59 -0.63 21.19
N VAL C 46 5.39 -0.91 21.71
CA VAL C 46 4.53 -1.93 21.13
C VAL C 46 4.03 -1.47 19.77
N HIS C 47 3.88 -0.15 19.61
CA HIS C 47 3.43 0.41 18.34
C HIS C 47 4.46 0.08 17.28
N ASP C 48 5.74 0.28 17.63
CA ASP C 48 6.85 -0.01 16.73
C ASP C 48 6.76 -1.47 16.33
N CYS C 49 6.53 -2.33 17.32
CA CYS C 49 6.42 -3.77 17.10
C CYS C 49 5.26 -4.09 16.18
N CYS C 50 4.12 -3.43 16.42
CA CYS C 50 2.91 -3.63 15.61
C CYS C 50 3.21 -3.36 14.15
N TYR C 51 3.76 -2.18 13.89
CA TYR C 51 4.14 -1.76 12.55
C TYR C 51 5.17 -2.72 12.00
N GLY C 52 6.07 -3.17 12.87
CA GLY C 52 7.10 -4.11 12.45
C GLY C 52 6.52 -5.33 11.76
N ARG C 53 5.34 -5.75 12.18
CA ARG C 53 4.70 -6.93 11.60
C ARG C 53 4.06 -6.66 10.24
N LEU C 54 4.07 -5.40 9.80
CA LEU C 54 3.46 -5.05 8.53
C LEU C 54 4.54 -4.66 7.54
N VAL C 55 5.48 -5.59 7.37
CA VAL C 55 6.63 -5.42 6.50
C VAL C 55 6.39 -4.88 5.09
N ASN C 56 5.20 -5.10 4.55
CA ASN C 56 4.90 -4.65 3.19
C ASN C 56 3.83 -3.59 3.08
N CYS C 57 3.56 -2.87 4.17
CA CYS C 57 2.57 -1.81 4.14
C CYS C 57 3.27 -0.48 4.33
N ASN C 58 2.71 0.60 3.79
CA ASN C 58 3.31 1.90 4.00
C ASN C 58 2.62 2.43 5.24
N THR C 59 3.03 1.87 6.37
CA THR C 59 2.49 2.21 7.67
C THR C 59 2.41 3.71 7.96
N LYS C 60 3.32 4.49 7.37
CA LYS C 60 3.29 5.93 7.66
C LYS C 60 2.30 6.75 6.84
N SER C 61 2.27 6.54 5.53
CA SER C 61 1.39 7.33 4.67
C SER C 61 0.10 6.69 4.14
N ASP C 62 -0.03 5.37 4.24
CA ASP C 62 -1.26 4.74 3.74
C ASP C 62 -2.48 5.26 4.52
N ILE C 63 -3.42 5.82 3.77
CA ILE C 63 -4.65 6.37 4.33
C ILE C 63 -5.72 5.29 4.52
N TYR C 64 -6.22 5.16 5.74
CA TYR C 64 -7.23 4.16 6.03
C TYR C 64 -8.52 4.85 6.44
N SER C 65 -9.59 4.08 6.52
CA SER C 65 -10.86 4.63 6.92
C SER C 65 -11.16 4.21 8.35
N TYR C 66 -11.56 5.17 9.16
CA TYR C 66 -11.90 4.91 10.56
C TYR C 66 -12.94 5.92 11.00
N SER C 67 -13.63 5.65 12.10
CA SER C 67 -14.66 6.57 12.57
C SER C 67 -14.94 6.41 14.04
N LEU C 68 -15.49 7.46 14.64
CA LEU C 68 -15.82 7.46 16.06
C LEU C 68 -17.25 6.92 16.28
N LYS C 69 -17.39 5.60 16.21
CA LYS C 69 -18.69 4.98 16.40
C LYS C 69 -19.03 4.92 17.89
N GLU C 70 -19.87 5.85 18.32
CA GLU C 70 -20.29 5.94 19.71
C GLU C 70 -19.07 6.27 20.57
N GLY C 71 -18.44 7.40 20.28
CA GLY C 71 -17.26 7.81 21.04
C GLY C 71 -16.23 6.71 21.22
N TYR C 72 -16.11 5.86 20.21
CA TYR C 72 -15.15 4.76 20.25
C TYR C 72 -14.45 4.69 18.90
N ILE C 73 -13.13 4.72 18.91
CA ILE C 73 -12.38 4.64 17.66
C ILE C 73 -12.63 3.28 17.03
N THR C 74 -13.22 3.27 15.85
CA THR C 74 -13.49 2.03 15.13
C THR C 74 -12.87 2.09 13.75
N CYS C 75 -12.13 1.04 13.40
CA CYS C 75 -11.49 0.99 12.11
C CYS C 75 -12.47 0.47 11.08
N GLY C 76 -12.50 1.11 9.92
CA GLY C 76 -13.38 0.68 8.86
C GLY C 76 -12.80 -0.47 8.04
N LYS C 77 -13.55 -0.88 7.04
CA LYS C 77 -13.14 -1.97 6.16
C LYS C 77 -12.31 -1.38 5.02
N GLY C 78 -11.27 -2.10 4.61
CA GLY C 78 -10.43 -1.65 3.53
C GLY C 78 -9.48 -2.78 3.18
N THR C 79 -8.20 -2.44 2.96
CA THR C 79 -7.18 -3.43 2.63
C THR C 79 -6.56 -4.02 3.92
N ASN C 80 -5.93 -5.20 3.85
CA ASN C 80 -5.32 -5.82 5.04
C ASN C 80 -4.41 -4.79 5.71
N CYS C 81 -3.67 -4.05 4.88
CA CYS C 81 -2.74 -3.05 5.37
C CYS C 81 -3.42 -1.91 6.08
N GLU C 82 -4.49 -1.43 5.46
CA GLU C 82 -5.26 -0.33 6.03
C GLU C 82 -5.81 -0.75 7.38
N GLU C 83 -6.44 -1.92 7.40
CA GLU C 83 -7.04 -2.44 8.61
C GLU C 83 -6.01 -2.80 9.69
N GLN C 84 -4.86 -3.30 9.28
CA GLN C 84 -3.81 -3.64 10.24
C GLN C 84 -3.19 -2.36 10.80
N ILE C 85 -2.85 -1.42 9.91
CA ILE C 85 -2.24 -0.16 10.33
C ILE C 85 -3.19 0.57 11.28
N CYS C 86 -4.45 0.65 10.89
CA CYS C 86 -5.44 1.32 11.70
C CYS C 86 -5.50 0.71 13.09
N GLU C 87 -5.46 -0.62 13.18
CA GLU C 87 -5.49 -1.31 14.47
C GLU C 87 -4.29 -0.95 15.35
N CYS C 88 -3.11 -0.86 14.72
CA CYS C 88 -1.88 -0.48 15.42
C CYS C 88 -2.09 0.89 16.06
N ASP C 89 -2.65 1.80 15.27
CA ASP C 89 -2.91 3.16 15.69
C ASP C 89 -3.95 3.21 16.79
N ARG C 90 -5.09 2.56 16.56
CA ARG C 90 -6.18 2.52 17.53
C ARG C 90 -5.73 2.13 18.93
N VAL C 91 -5.11 0.97 19.02
CA VAL C 91 -4.62 0.46 20.31
C VAL C 91 -3.62 1.38 21.00
N ALA C 92 -2.71 1.96 20.24
CA ALA C 92 -1.71 2.85 20.81
C ALA C 92 -2.31 4.12 21.40
N ALA C 93 -3.28 4.71 20.70
CA ALA C 93 -3.95 5.92 21.18
C ALA C 93 -4.70 5.66 22.48
N GLU C 94 -5.34 4.50 22.58
CA GLU C 94 -6.08 4.12 23.78
C GLU C 94 -5.12 3.78 24.92
N CYS C 95 -3.96 3.25 24.56
CA CYS C 95 -2.87 2.89 25.48
C CYS C 95 -2.40 4.14 26.21
N PHE C 96 -2.28 5.21 25.44
CA PHE C 96 -1.85 6.51 25.94
C PHE C 96 -2.82 7.01 26.97
N ARG C 97 -4.10 6.84 26.67
CA ARG C 97 -5.14 7.27 27.57
C ARG C 97 -5.07 6.55 28.90
N ARG C 98 -5.02 5.23 28.83
CA ARG C 98 -5.00 4.43 30.04
C ARG C 98 -3.79 4.67 30.92
N ASN C 99 -2.67 5.11 30.35
CA ASN C 99 -1.50 5.37 31.17
C ASN C 99 -1.35 6.85 31.46
N LEU C 100 -2.40 7.61 31.22
CA LEU C 100 -2.35 9.04 31.47
C LEU C 100 -1.93 9.33 32.91
N ASP C 101 -2.43 8.53 33.84
CA ASP C 101 -2.12 8.74 35.24
C ASP C 101 -0.64 8.65 35.58
N THR C 102 0.12 7.87 34.82
CA THR C 102 1.56 7.74 35.08
C THR C 102 2.45 8.51 34.10
N TYR C 103 1.83 9.37 33.29
CA TYR C 103 2.56 10.20 32.33
C TYR C 103 3.49 11.12 33.14
N ASN C 104 4.76 11.18 32.76
CA ASN C 104 5.72 12.00 33.48
C ASN C 104 6.34 13.05 32.57
N ASN C 105 6.13 14.31 32.91
CA ASN C 105 6.68 15.39 32.09
C ASN C 105 8.21 15.38 32.05
N GLY C 106 8.82 14.65 32.98
CA GLY C 106 10.26 14.56 33.01
C GLY C 106 10.80 13.65 31.93
N TYR C 107 9.89 12.90 31.29
CA TYR C 107 10.28 11.99 30.22
C TYR C 107 10.14 12.64 28.85
N MET C 108 9.38 13.73 28.79
CA MET C 108 9.22 14.48 27.57
C MET C 108 10.62 14.98 27.26
N PHE C 109 11.01 14.97 26.00
CA PHE C 109 12.34 15.42 25.63
C PHE C 109 13.40 14.60 26.34
N TYR C 110 13.16 13.31 26.43
CA TYR C 110 14.11 12.44 27.06
C TYR C 110 15.18 12.14 26.02
N ARG C 111 16.43 12.42 26.37
CA ARG C 111 17.57 12.22 25.47
C ARG C 111 17.79 10.73 25.14
N ASP C 112 17.73 10.39 23.84
CA ASP C 112 17.92 9.02 23.41
C ASP C 112 19.26 8.48 23.84
N SER C 113 20.13 9.39 24.28
CA SER C 113 21.46 9.01 24.74
C SER C 113 21.37 8.34 26.11
N LYS C 114 20.31 8.67 26.86
CA LYS C 114 20.10 8.08 28.19
C LYS C 114 19.37 6.74 28.09
N CYS C 115 19.23 6.24 26.88
CA CYS C 115 18.56 4.98 26.63
C CYS C 115 19.60 3.94 26.26
N THR C 116 20.60 3.82 27.11
CA THR C 116 21.69 2.88 26.90
C THR C 116 21.49 1.59 27.69
N GLU C 117 20.88 0.61 27.03
CA GLU C 117 20.62 -0.68 27.66
C GLU C 117 20.18 -1.63 26.55
N THR C 118 20.31 -2.92 26.78
CA THR C 118 19.91 -3.90 25.78
C THR C 118 18.48 -3.59 25.37
N SER C 119 18.30 -3.11 24.15
CA SER C 119 16.98 -2.80 23.66
C SER C 119 16.06 -4.01 23.78
N GLU C 120 14.81 -3.78 24.16
CA GLU C 120 13.85 -4.86 24.32
C GLU C 120 13.48 -5.53 23.01
N GLU C 121 13.00 -6.77 23.11
CA GLU C 121 12.60 -7.55 21.96
C GLU C 121 11.09 -7.50 21.81
N CYS C 122 10.60 -7.55 20.58
CA CYS C 122 9.15 -7.52 20.38
C CYS C 122 8.57 -8.86 20.78
N ASN D 1 -10.52 3.50 -4.55
CA ASN D 1 -11.66 2.67 -4.09
C ASN D 1 -12.87 2.94 -4.97
N LEU D 2 -13.41 1.88 -5.55
CA LEU D 2 -14.55 1.99 -6.45
C LEU D 2 -15.66 2.91 -5.97
N LEU D 3 -15.86 2.95 -4.65
CA LEU D 3 -16.90 3.80 -4.09
C LEU D 3 -16.61 5.28 -4.31
N GLN D 4 -15.32 5.65 -4.33
CA GLN D 4 -14.93 7.05 -4.53
C GLN D 4 -14.98 7.34 -6.02
N PHE D 5 -14.63 6.34 -6.81
CA PHE D 5 -14.66 6.47 -8.25
C PHE D 5 -16.11 6.83 -8.63
N ASN D 6 -17.06 6.12 -8.02
CA ASN D 6 -18.49 6.34 -8.26
C ASN D 6 -18.91 7.74 -7.90
N LYS D 7 -18.33 8.24 -6.82
CA LYS D 7 -18.63 9.58 -6.35
C LYS D 7 -18.17 10.54 -7.42
N MET D 8 -16.95 10.31 -7.90
CA MET D 8 -16.36 11.15 -8.91
C MET D 8 -17.20 11.18 -10.16
N ILE D 9 -17.69 10.01 -10.58
CA ILE D 9 -18.52 9.92 -11.78
C ILE D 9 -19.77 10.78 -11.62
N LYS D 10 -20.46 10.60 -10.50
CA LYS D 10 -21.68 11.34 -10.21
C LYS D 10 -21.41 12.84 -10.23
N GLU D 11 -20.36 13.23 -9.53
CA GLU D 11 -19.93 14.61 -9.42
C GLU D 11 -19.63 15.26 -10.78
N GLU D 12 -18.90 14.55 -11.63
CA GLU D 12 -18.52 15.06 -12.93
C GLU D 12 -19.63 14.99 -13.98
N THR D 13 -20.33 13.87 -14.04
CA THR D 13 -21.37 13.71 -15.04
C THR D 13 -22.80 14.01 -14.61
N GLY D 14 -23.08 13.93 -13.32
CA GLY D 14 -24.42 14.17 -12.84
C GLY D 14 -25.22 12.90 -12.83
N LYS D 15 -24.71 11.86 -13.48
CA LYS D 15 -25.39 10.57 -13.51
C LYS D 15 -24.75 9.58 -12.55
N ASN D 16 -25.43 8.48 -12.26
CA ASN D 16 -24.89 7.46 -11.37
C ASN D 16 -24.17 6.40 -12.17
N ALA D 17 -23.07 5.90 -11.62
CA ALA D 17 -22.29 4.87 -12.30
C ALA D 17 -23.24 3.74 -12.66
N ILE D 18 -24.04 3.30 -11.69
CA ILE D 18 -25.01 2.27 -11.97
C ILE D 18 -26.29 3.02 -12.31
N PRO D 19 -26.87 2.77 -13.50
CA PRO D 19 -26.45 1.85 -14.56
C PRO D 19 -25.70 2.53 -15.70
N PHE D 20 -25.79 3.84 -15.75
CA PHE D 20 -25.17 4.62 -16.81
C PHE D 20 -23.79 4.24 -17.33
N TYR D 21 -22.94 3.70 -16.48
CA TYR D 21 -21.60 3.34 -16.91
C TYR D 21 -21.17 1.95 -16.48
N ALA D 22 -22.01 1.28 -15.68
CA ALA D 22 -21.68 -0.06 -15.19
C ALA D 22 -21.65 -1.11 -16.30
N PHE D 23 -22.46 -0.89 -17.33
CA PHE D 23 -22.52 -1.83 -18.45
C PHE D 23 -22.64 -1.08 -19.75
N TYR D 24 -21.65 -0.26 -20.07
CA TYR D 24 -21.72 0.50 -21.30
C TYR D 24 -20.67 0.04 -22.29
N GLY D 25 -21.08 -0.08 -23.55
CA GLY D 25 -20.18 -0.50 -24.60
C GLY D 25 -19.39 -1.77 -24.35
N CYS D 26 -18.16 -1.80 -24.83
CA CYS D 26 -17.31 -2.97 -24.66
C CYS D 26 -16.33 -2.93 -23.51
N TYR D 27 -16.04 -1.75 -22.98
CA TYR D 27 -15.06 -1.68 -21.89
C TYR D 27 -15.55 -1.14 -20.56
N CYS D 28 -16.79 -0.66 -20.50
CA CYS D 28 -17.31 -0.16 -19.24
C CYS D 28 -17.90 -1.34 -18.48
N GLY D 29 -17.41 -1.57 -17.26
CA GLY D 29 -17.92 -2.66 -16.46
C GLY D 29 -17.07 -3.91 -16.49
N TRP D 30 -17.43 -4.86 -15.63
CA TRP D 30 -16.75 -6.15 -15.49
C TRP D 30 -15.98 -6.62 -16.72
N GLY D 31 -14.72 -6.19 -16.84
CA GLY D 31 -13.89 -6.59 -17.96
C GLY D 31 -14.40 -6.21 -19.36
N GLY D 32 -13.49 -6.18 -20.32
CA GLY D 32 -13.86 -5.83 -21.68
C GLY D 32 -12.94 -6.42 -22.75
N GLN D 33 -13.39 -6.37 -23.99
CA GLN D 33 -12.67 -6.92 -25.14
C GLN D 33 -13.19 -6.26 -26.40
N GLY D 34 -12.49 -6.42 -27.50
CA GLY D 34 -12.94 -5.82 -28.73
C GLY D 34 -12.41 -4.39 -28.83
N LYS D 35 -13.13 -3.54 -29.57
CA LYS D 35 -12.71 -2.16 -29.73
C LYS D 35 -13.74 -1.21 -29.13
N PRO D 36 -13.28 -0.14 -28.46
CA PRO D 36 -14.20 0.83 -27.86
C PRO D 36 -15.25 1.24 -28.87
N LYS D 37 -16.52 1.28 -28.44
CA LYS D 37 -17.62 1.66 -29.31
C LYS D 37 -17.59 3.14 -29.64
N ASP D 38 -17.27 3.96 -28.65
CA ASP D 38 -17.25 5.41 -28.83
C ASP D 38 -16.35 6.10 -27.83
N GLY D 39 -16.40 7.43 -27.82
CA GLY D 39 -15.59 8.20 -26.91
C GLY D 39 -15.75 7.80 -25.47
N THR D 40 -17.00 7.65 -25.02
CA THR D 40 -17.30 7.28 -23.64
C THR D 40 -16.72 5.91 -23.32
N ASP D 41 -16.92 4.97 -24.23
CA ASP D 41 -16.41 3.62 -24.08
C ASP D 41 -14.88 3.60 -23.99
N ARG D 42 -14.23 4.46 -24.77
CA ARG D 42 -12.78 4.54 -24.74
C ARG D 42 -12.29 5.08 -23.39
N CYS D 43 -13.11 5.91 -22.75
CA CYS D 43 -12.75 6.44 -21.45
C CYS D 43 -12.53 5.21 -20.58
N CYS D 44 -13.48 4.29 -20.68
CA CYS D 44 -13.43 3.06 -19.92
C CYS D 44 -12.21 2.24 -20.32
N PHE D 45 -11.97 2.13 -21.62
CA PHE D 45 -10.83 1.38 -22.14
C PHE D 45 -9.54 1.87 -21.51
N VAL D 46 -9.32 3.18 -21.60
CA VAL D 46 -8.12 3.81 -21.05
C VAL D 46 -7.97 3.57 -19.54
N HIS D 47 -9.07 3.66 -18.81
CA HIS D 47 -9.08 3.44 -17.37
C HIS D 47 -8.47 2.06 -17.09
N ASP D 48 -8.87 1.08 -17.90
CA ASP D 48 -8.39 -0.30 -17.77
C ASP D 48 -6.87 -0.34 -17.90
N CYS D 49 -6.38 0.32 -18.93
CA CYS D 49 -4.96 0.36 -19.22
C CYS D 49 -4.28 1.03 -18.04
N CYS D 50 -4.92 2.08 -17.54
CA CYS D 50 -4.39 2.83 -16.41
C CYS D 50 -4.19 1.94 -15.20
N TYR D 51 -5.25 1.25 -14.78
CA TYR D 51 -5.16 0.35 -13.64
C TYR D 51 -4.13 -0.71 -13.98
N GLY D 52 -4.18 -1.21 -15.21
CA GLY D 52 -3.26 -2.23 -15.67
C GLY D 52 -1.80 -1.94 -15.34
N ARG D 53 -1.43 -0.66 -15.34
CA ARG D 53 -0.06 -0.28 -15.06
C ARG D 53 0.27 -0.34 -13.57
N LEU D 54 -0.74 -0.47 -12.74
CA LEU D 54 -0.56 -0.55 -11.29
C LEU D 54 -0.69 -1.99 -10.83
N VAL D 55 0.11 -2.85 -11.46
CA VAL D 55 0.11 -4.28 -11.19
C VAL D 55 0.13 -4.72 -9.72
N ASN D 56 0.76 -3.96 -8.82
CA ASN D 56 0.80 -4.39 -7.42
C ASN D 56 -0.01 -3.54 -6.46
N CYS D 57 -0.98 -2.81 -6.97
CA CYS D 57 -1.84 -1.97 -6.13
C CYS D 57 -3.22 -2.57 -6.07
N ASN D 58 -3.94 -2.33 -4.99
CA ASN D 58 -5.29 -2.84 -4.90
C ASN D 58 -6.18 -1.75 -5.46
N THR D 59 -6.06 -1.56 -6.76
CA THR D 59 -6.80 -0.55 -7.49
C THR D 59 -8.29 -0.44 -7.15
N LYS D 60 -8.93 -1.57 -6.83
CA LYS D 60 -10.35 -1.58 -6.51
C LYS D 60 -10.74 -1.16 -5.10
N SER D 61 -10.04 -1.66 -4.08
CA SER D 61 -10.42 -1.32 -2.71
C SER D 61 -9.56 -0.29 -1.96
N ASP D 62 -8.34 -0.05 -2.42
CA ASP D 62 -7.49 0.93 -1.78
C ASP D 62 -8.16 2.30 -1.63
N ILE D 63 -8.33 2.77 -0.39
CA ILE D 63 -8.94 4.06 -0.09
C ILE D 63 -7.93 5.20 -0.19
N TYR D 64 -8.14 6.13 -1.11
CA TYR D 64 -7.21 7.24 -1.27
C TYR D 64 -7.84 8.53 -0.82
N SER D 65 -7.04 9.58 -0.83
CA SER D 65 -7.54 10.87 -0.41
C SER D 65 -7.65 11.78 -1.61
N TYR D 66 -8.79 12.48 -1.71
CA TYR D 66 -9.05 13.41 -2.80
C TYR D 66 -10.05 14.45 -2.31
N SER D 67 -10.16 15.56 -3.04
CA SER D 67 -11.08 16.61 -2.65
C SER D 67 -11.47 17.50 -3.82
N LEU D 68 -12.58 18.20 -3.65
CA LEU D 68 -13.07 19.10 -4.69
C LEU D 68 -12.55 20.50 -4.42
N LYS D 69 -11.27 20.69 -4.71
CA LYS D 69 -10.61 21.97 -4.53
C LYS D 69 -11.02 22.92 -5.65
N GLU D 70 -11.99 23.78 -5.36
CA GLU D 70 -12.44 24.74 -6.35
C GLU D 70 -13.20 24.02 -7.48
N GLY D 71 -14.21 23.25 -7.10
CA GLY D 71 -14.98 22.53 -8.10
C GLY D 71 -14.12 21.71 -9.03
N TYR D 72 -12.95 21.31 -8.54
CA TYR D 72 -12.01 20.51 -9.32
C TYR D 72 -11.60 19.27 -8.55
N ILE D 73 -11.82 18.10 -9.14
CA ILE D 73 -11.43 16.87 -8.46
C ILE D 73 -9.91 16.88 -8.33
N THR D 74 -9.40 17.10 -7.14
CA THR D 74 -7.97 17.10 -6.93
C THR D 74 -7.59 15.88 -6.11
N CYS D 75 -6.49 15.23 -6.47
CA CYS D 75 -6.04 14.06 -5.75
C CYS D 75 -5.12 14.43 -4.60
N GLY D 76 -5.36 13.84 -3.44
CA GLY D 76 -4.54 14.15 -2.28
C GLY D 76 -3.25 13.34 -2.26
N LYS D 77 -2.37 13.68 -1.32
CA LYS D 77 -1.09 13.01 -1.16
C LYS D 77 -1.22 11.77 -0.28
N GLY D 78 -0.48 10.71 -0.62
CA GLY D 78 -0.52 9.47 0.15
C GLY D 78 0.56 8.52 -0.29
N THR D 79 0.16 7.31 -0.68
CA THR D 79 1.10 6.30 -1.15
C THR D 79 1.15 6.36 -2.69
N ASN D 80 2.19 5.81 -3.32
CA ASN D 80 2.28 5.83 -4.80
C ASN D 80 1.04 5.18 -5.40
N CYS D 81 0.52 4.13 -4.76
CA CYS D 81 -0.66 3.47 -5.30
C CYS D 81 -1.88 4.37 -5.15
N GLU D 82 -2.03 4.95 -3.96
CA GLU D 82 -3.15 5.82 -3.68
C GLU D 82 -3.21 6.94 -4.70
N GLU D 83 -2.07 7.57 -4.92
CA GLU D 83 -1.96 8.67 -5.86
C GLU D 83 -2.23 8.26 -7.30
N GLN D 84 -1.68 7.11 -7.69
CA GLN D 84 -1.85 6.57 -9.04
C GLN D 84 -3.29 6.18 -9.33
N ILE D 85 -3.87 5.41 -8.41
CA ILE D 85 -5.25 4.97 -8.55
C ILE D 85 -6.16 6.18 -8.66
N CYS D 86 -5.91 7.17 -7.81
CA CYS D 86 -6.72 8.37 -7.82
C CYS D 86 -6.68 9.04 -9.19
N GLU D 87 -5.49 9.07 -9.79
CA GLU D 87 -5.31 9.68 -11.11
C GLU D 87 -6.15 8.98 -12.18
N CYS D 88 -6.08 7.66 -12.21
CA CYS D 88 -6.84 6.90 -13.18
C CYS D 88 -8.30 7.25 -13.04
N ASP D 89 -8.75 7.32 -11.79
CA ASP D 89 -10.14 7.60 -11.49
C ASP D 89 -10.54 9.00 -11.93
N ARG D 90 -9.81 10.00 -11.47
CA ARG D 90 -10.09 11.38 -11.83
C ARG D 90 -10.22 11.59 -13.33
N VAL D 91 -9.16 11.25 -14.06
CA VAL D 91 -9.15 11.42 -15.50
C VAL D 91 -10.33 10.74 -16.20
N ALA D 92 -10.72 9.57 -15.72
CA ALA D 92 -11.85 8.83 -16.31
C ALA D 92 -13.16 9.55 -16.09
N ALA D 93 -13.40 9.97 -14.84
CA ALA D 93 -14.62 10.68 -14.49
C ALA D 93 -14.81 11.91 -15.37
N GLU D 94 -13.76 12.69 -15.53
CA GLU D 94 -13.83 13.88 -16.36
C GLU D 94 -13.97 13.52 -17.85
N CYS D 95 -13.37 12.41 -18.25
CA CYS D 95 -13.44 11.93 -19.62
C CYS D 95 -14.89 11.63 -20.01
N PHE D 96 -15.64 11.14 -19.03
CA PHE D 96 -17.05 10.81 -19.24
C PHE D 96 -17.83 12.09 -19.45
N ARG D 97 -17.47 13.10 -18.65
CA ARG D 97 -18.09 14.40 -18.72
C ARG D 97 -17.90 15.00 -20.10
N ARG D 98 -16.66 15.06 -20.55
CA ARG D 98 -16.37 15.62 -21.84
C ARG D 98 -17.07 14.88 -22.98
N ASN D 99 -17.37 13.60 -22.79
CA ASN D 99 -18.00 12.82 -23.85
C ASN D 99 -19.50 12.68 -23.75
N LEU D 100 -20.09 13.39 -22.82
CA LEU D 100 -21.53 13.34 -22.61
C LEU D 100 -22.30 13.62 -23.91
N ASP D 101 -21.75 14.49 -24.76
CA ASP D 101 -22.41 14.83 -26.01
C ASP D 101 -22.54 13.70 -27.02
N THR D 102 -21.78 12.63 -26.84
CA THR D 102 -21.89 11.53 -27.78
C THR D 102 -22.42 10.28 -27.09
N TYR D 103 -22.68 10.39 -25.79
CA TYR D 103 -23.20 9.27 -25.00
C TYR D 103 -24.44 8.67 -25.70
N ASN D 104 -24.44 7.38 -25.92
CA ASN D 104 -25.57 6.75 -26.58
C ASN D 104 -26.27 5.70 -25.74
N ASN D 105 -27.50 5.98 -25.36
CA ASN D 105 -28.28 5.06 -24.55
C ASN D 105 -28.35 3.65 -25.15
N GLY D 106 -28.11 3.56 -26.46
CA GLY D 106 -28.16 2.27 -27.12
C GLY D 106 -26.94 1.40 -26.84
N TYR D 107 -25.97 1.96 -26.13
CA TYR D 107 -24.75 1.24 -25.79
C TYR D 107 -24.82 0.77 -24.34
N MET D 108 -25.85 1.23 -23.64
CA MET D 108 -26.07 0.84 -22.26
C MET D 108 -26.55 -0.60 -22.38
N PHE D 109 -26.00 -1.50 -21.57
CA PHE D 109 -26.38 -2.91 -21.63
C PHE D 109 -25.95 -3.49 -22.96
N TYR D 110 -24.79 -3.08 -23.43
CA TYR D 110 -24.27 -3.58 -24.69
C TYR D 110 -23.67 -4.96 -24.44
N ARG D 111 -24.23 -5.97 -25.08
CA ARG D 111 -23.78 -7.35 -24.92
C ARG D 111 -22.31 -7.51 -25.30
N ASP D 112 -21.52 -8.03 -24.38
CA ASP D 112 -20.10 -8.25 -24.60
C ASP D 112 -19.87 -9.17 -25.79
N SER D 113 -20.92 -9.89 -26.18
CA SER D 113 -20.86 -10.81 -27.30
C SER D 113 -20.68 -10.10 -28.64
N LYS D 114 -21.29 -8.92 -28.76
CA LYS D 114 -21.19 -8.15 -29.99
C LYS D 114 -19.85 -7.43 -30.11
N CYS D 115 -18.96 -7.68 -29.15
CA CYS D 115 -17.65 -7.06 -29.15
C CYS D 115 -16.62 -8.06 -29.69
N THR D 116 -16.90 -8.57 -30.89
CA THR D 116 -16.01 -9.55 -31.51
C THR D 116 -15.12 -8.89 -32.54
N GLU D 117 -13.89 -8.59 -32.12
CA GLU D 117 -12.92 -7.96 -32.99
C GLU D 117 -11.61 -7.93 -32.22
N THR D 118 -10.49 -7.92 -32.92
CA THR D 118 -9.21 -7.89 -32.24
C THR D 118 -9.20 -6.83 -31.16
N SER D 119 -9.10 -7.27 -29.91
CA SER D 119 -9.08 -6.33 -28.80
C SER D 119 -7.96 -5.33 -29.02
N GLU D 120 -8.21 -4.07 -28.65
CA GLU D 120 -7.22 -3.02 -28.82
C GLU D 120 -6.08 -3.10 -27.80
N GLU D 121 -4.93 -2.56 -28.19
CA GLU D 121 -3.72 -2.58 -27.37
C GLU D 121 -3.62 -1.34 -26.48
N CYS D 122 -3.07 -1.50 -25.29
CA CYS D 122 -2.91 -0.37 -24.39
C CYS D 122 -1.74 0.46 -24.88
N ASN E 1 -5.56 -21.83 -6.10
CA ASN E 1 -5.82 -23.20 -5.59
C ASN E 1 -4.69 -24.15 -6.02
N LEU E 2 -4.21 -24.98 -5.09
CA LEU E 2 -3.10 -25.88 -5.39
C LEU E 2 -3.34 -26.83 -6.55
N LEU E 3 -4.60 -27.14 -6.85
CA LEU E 3 -4.92 -28.05 -7.95
C LEU E 3 -4.67 -27.36 -9.30
N GLN E 4 -4.84 -26.04 -9.34
CA GLN E 4 -4.61 -25.29 -10.56
C GLN E 4 -3.12 -25.08 -10.74
N PHE E 5 -2.42 -24.85 -9.63
CA PHE E 5 -0.98 -24.67 -9.64
C PHE E 5 -0.38 -25.96 -10.23
N ASN E 6 -0.89 -27.10 -9.78
CA ASN E 6 -0.44 -28.40 -10.29
C ASN E 6 -0.55 -28.42 -11.82
N LYS E 7 -1.70 -27.98 -12.32
CA LYS E 7 -1.96 -27.92 -13.74
C LYS E 7 -0.89 -27.09 -14.47
N MET E 8 -0.59 -25.92 -13.93
CA MET E 8 0.41 -25.04 -14.51
C MET E 8 1.76 -25.76 -14.57
N ILE E 9 2.08 -26.50 -13.51
CA ILE E 9 3.34 -27.21 -13.44
C ILE E 9 3.41 -28.26 -14.54
N LYS E 10 2.34 -29.01 -14.70
CA LYS E 10 2.30 -30.03 -15.74
C LYS E 10 2.46 -29.35 -17.09
N GLU E 11 1.68 -28.31 -17.30
CA GLU E 11 1.70 -27.57 -18.55
C GLU E 11 3.06 -26.95 -18.88
N GLU E 12 3.63 -26.26 -17.92
CA GLU E 12 4.91 -25.58 -18.09
C GLU E 12 6.14 -26.49 -18.17
N THR E 13 6.17 -27.56 -17.36
CA THR E 13 7.30 -28.50 -17.35
C THR E 13 7.05 -29.89 -17.91
N GLY E 14 5.79 -30.24 -18.14
CA GLY E 14 5.51 -31.57 -18.65
C GLY E 14 5.58 -32.62 -17.55
N LYS E 15 6.06 -32.24 -16.37
CA LYS E 15 6.17 -33.17 -15.26
C LYS E 15 4.96 -32.99 -14.34
N ASN E 16 4.64 -34.02 -13.56
CA ASN E 16 3.54 -33.93 -12.64
C ASN E 16 4.08 -33.43 -11.30
N ALA E 17 3.40 -32.45 -10.72
CA ALA E 17 3.81 -31.89 -9.44
C ALA E 17 4.24 -33.02 -8.52
N ILE E 18 3.42 -34.06 -8.45
CA ILE E 18 3.73 -35.19 -7.60
C ILE E 18 4.29 -36.29 -8.49
N PRO E 19 5.49 -36.80 -8.14
CA PRO E 19 6.29 -36.39 -6.99
C PRO E 19 7.38 -35.38 -7.32
N PHE E 20 7.67 -35.26 -8.62
CA PHE E 20 8.73 -34.38 -9.10
C PHE E 20 8.95 -33.03 -8.44
N TYR E 21 7.89 -32.42 -7.93
CA TYR E 21 8.04 -31.12 -7.30
C TYR E 21 7.39 -31.00 -5.94
N ALA E 22 6.92 -32.11 -5.39
CA ALA E 22 6.29 -32.11 -4.08
C ALA E 22 7.29 -32.37 -2.97
N PHE E 23 8.41 -33.04 -3.29
CA PHE E 23 9.42 -33.34 -2.28
C PHE E 23 10.80 -33.14 -2.85
N TYR E 24 11.06 -31.96 -3.38
CA TYR E 24 12.35 -31.69 -3.98
C TYR E 24 13.15 -30.66 -3.19
N GLY E 25 14.43 -30.94 -2.99
CA GLY E 25 15.28 -30.02 -2.25
C GLY E 25 14.79 -29.66 -0.86
N CYS E 26 15.10 -28.43 -0.42
CA CYS E 26 14.74 -27.95 0.89
C CYS E 26 13.43 -27.19 1.00
N TYR E 27 13.00 -26.55 -0.09
CA TYR E 27 11.78 -25.78 -0.06
C TYR E 27 10.66 -26.26 -0.95
N CYS E 28 10.97 -27.13 -1.90
CA CYS E 28 9.92 -27.64 -2.79
C CYS E 28 9.05 -28.64 -2.07
N GLY E 29 7.87 -28.16 -1.68
CA GLY E 29 6.92 -29.02 -0.99
C GLY E 29 6.59 -28.52 0.39
N TRP E 30 6.09 -29.42 1.23
CA TRP E 30 5.73 -29.05 2.58
C TRP E 30 6.86 -28.44 3.41
N GLY E 31 6.52 -27.50 4.28
CA GLY E 31 7.53 -26.85 5.10
C GLY E 31 8.61 -26.26 4.21
N GLY E 32 9.83 -26.19 4.74
CA GLY E 32 10.93 -25.63 3.97
C GLY E 32 11.77 -24.75 4.86
N GLN E 33 13.06 -25.01 4.87
CA GLN E 33 13.97 -24.24 5.70
C GLN E 33 15.40 -24.57 5.33
N GLY E 34 16.31 -23.63 5.60
CA GLY E 34 17.70 -23.83 5.25
C GLY E 34 17.95 -23.03 3.99
N LYS E 35 18.87 -23.48 3.14
CA LYS E 35 19.14 -22.74 1.92
C LYS E 35 18.77 -23.55 0.69
N PRO E 36 18.07 -22.91 -0.26
CA PRO E 36 17.67 -23.62 -1.47
C PRO E 36 18.88 -24.35 -2.07
N LYS E 37 18.68 -25.60 -2.48
CA LYS E 37 19.74 -26.42 -3.05
C LYS E 37 20.19 -26.03 -4.46
N ASP E 38 19.23 -25.69 -5.32
CA ASP E 38 19.56 -25.29 -6.69
C ASP E 38 18.54 -24.34 -7.31
N GLY E 39 18.72 -24.03 -8.59
CA GLY E 39 17.81 -23.12 -9.26
C GLY E 39 16.36 -23.49 -9.04
N THR E 40 16.06 -24.77 -9.26
CA THR E 40 14.71 -25.30 -9.08
C THR E 40 14.22 -25.07 -7.66
N ASP E 41 15.07 -25.44 -6.69
CA ASP E 41 14.72 -25.28 -5.29
C ASP E 41 14.49 -23.82 -4.91
N ARG E 42 15.15 -22.91 -5.62
CA ARG E 42 14.98 -21.50 -5.33
C ARG E 42 13.62 -21.03 -5.82
N CYS E 43 13.10 -21.64 -6.89
CA CYS E 43 11.80 -21.24 -7.39
C CYS E 43 10.80 -21.45 -6.27
N CYS E 44 10.88 -22.62 -5.64
CA CYS E 44 10.01 -22.97 -4.52
C CYS E 44 10.14 -21.97 -3.38
N PHE E 45 11.37 -21.71 -2.97
CA PHE E 45 11.63 -20.76 -1.90
C PHE E 45 10.93 -19.42 -2.20
N VAL E 46 11.17 -18.89 -3.41
CA VAL E 46 10.55 -17.63 -3.79
C VAL E 46 9.02 -17.69 -3.76
N HIS E 47 8.47 -18.85 -4.10
CA HIS E 47 7.02 -19.05 -4.10
C HIS E 47 6.50 -18.93 -2.68
N ASP E 48 7.33 -19.36 -1.73
CA ASP E 48 6.97 -19.29 -0.33
C ASP E 48 6.90 -17.83 0.08
N CYS E 49 7.91 -17.06 -0.34
CA CYS E 49 7.93 -15.66 -0.01
C CYS E 49 6.74 -14.96 -0.66
N CYS E 50 6.40 -15.41 -1.87
CA CYS E 50 5.28 -14.83 -2.62
C CYS E 50 3.99 -15.01 -1.85
N TYR E 51 3.72 -16.25 -1.47
CA TYR E 51 2.52 -16.57 -0.71
C TYR E 51 2.64 -15.85 0.63
N GLY E 52 3.87 -15.76 1.14
CA GLY E 52 4.14 -15.10 2.41
C GLY E 52 3.62 -13.68 2.47
N ARG E 53 3.59 -13.05 1.30
CA ARG E 53 3.13 -11.67 1.16
C ARG E 53 1.61 -11.54 1.22
N LEU E 54 0.88 -12.65 1.05
CA LEU E 54 -0.59 -12.63 1.10
C LEU E 54 -1.13 -13.20 2.40
N VAL E 55 -0.83 -12.50 3.48
CA VAL E 55 -1.24 -12.88 4.83
C VAL E 55 -2.74 -13.12 5.06
N ASN E 56 -3.57 -12.45 4.28
CA ASN E 56 -5.02 -12.56 4.42
C ASN E 56 -5.76 -13.36 3.35
N CYS E 57 -5.02 -14.11 2.54
CA CYS E 57 -5.65 -14.91 1.50
C CYS E 57 -5.51 -16.39 1.78
N ASN E 58 -6.50 -17.16 1.30
CA ASN E 58 -6.47 -18.61 1.44
C ASN E 58 -5.72 -19.08 0.21
N THR E 59 -4.41 -18.82 0.22
CA THR E 59 -3.52 -19.14 -0.88
C THR E 59 -3.57 -20.56 -1.43
N LYS E 60 -3.93 -21.53 -0.59
CA LYS E 60 -3.97 -22.91 -1.04
C LYS E 60 -5.30 -23.37 -1.64
N SER E 61 -6.40 -22.92 -1.03
CA SER E 61 -7.74 -23.30 -1.46
C SER E 61 -8.46 -22.37 -2.43
N ASP E 62 -8.27 -21.06 -2.27
CA ASP E 62 -8.95 -20.09 -3.14
C ASP E 62 -8.80 -20.37 -4.64
N ILE E 63 -9.94 -20.53 -5.30
CA ILE E 63 -9.99 -20.81 -6.73
C ILE E 63 -9.94 -19.50 -7.52
N TYR E 64 -8.97 -19.39 -8.42
CA TYR E 64 -8.82 -18.19 -9.21
C TYR E 64 -9.10 -18.50 -10.67
N SER E 65 -9.12 -17.47 -11.49
CA SER E 65 -9.36 -17.63 -12.92
C SER E 65 -8.04 -17.43 -13.68
N TYR E 66 -7.81 -18.27 -14.68
CA TYR E 66 -6.60 -18.19 -15.50
C TYR E 66 -6.81 -19.00 -16.74
N SER E 67 -5.98 -18.74 -17.75
CA SER E 67 -6.11 -19.45 -19.02
C SER E 67 -4.80 -19.49 -19.76
N LEU E 68 -4.79 -20.33 -20.79
CA LEU E 68 -3.62 -20.45 -21.65
C LEU E 68 -3.85 -19.58 -22.88
N LYS E 69 -3.57 -18.29 -22.72
CA LYS E 69 -3.74 -17.32 -23.79
C LYS E 69 -2.49 -17.32 -24.65
N GLU E 70 -2.60 -17.95 -25.83
CA GLU E 70 -1.46 -18.00 -26.73
C GLU E 70 -0.33 -18.79 -26.07
N GLY E 71 -0.61 -20.03 -25.68
CA GLY E 71 0.40 -20.86 -25.04
C GLY E 71 1.13 -20.09 -23.95
N TYR E 72 0.40 -19.18 -23.32
CA TYR E 72 0.92 -18.34 -22.26
C TYR E 72 -0.02 -18.40 -21.07
N ILE E 73 0.47 -18.89 -19.94
CA ILE E 73 -0.36 -18.97 -18.75
C ILE E 73 -0.70 -17.54 -18.33
N THR E 74 -1.95 -17.13 -18.56
CA THR E 74 -2.36 -15.78 -18.18
C THR E 74 -3.35 -15.82 -17.02
N CYS E 75 -3.21 -14.86 -16.11
CA CYS E 75 -4.07 -14.79 -14.96
C CYS E 75 -5.29 -13.93 -15.26
N GLY E 76 -6.47 -14.48 -15.03
CA GLY E 76 -7.70 -13.76 -15.26
C GLY E 76 -7.90 -12.71 -14.19
N LYS E 77 -9.00 -11.97 -14.30
CA LYS E 77 -9.32 -10.93 -13.34
C LYS E 77 -10.19 -11.50 -12.25
N GLY E 78 -10.12 -10.91 -11.05
CA GLY E 78 -10.93 -11.40 -9.94
C GLY E 78 -10.74 -10.56 -8.69
N THR E 79 -10.46 -11.22 -7.57
CA THR E 79 -10.24 -10.54 -6.30
C THR E 79 -8.73 -10.34 -6.13
N ASN E 80 -8.32 -9.34 -5.35
CA ASN E 80 -6.87 -9.11 -5.17
C ASN E 80 -6.18 -10.42 -4.83
N CYS E 81 -6.84 -11.24 -3.99
CA CYS E 81 -6.26 -12.51 -3.57
C CYS E 81 -6.14 -13.49 -4.71
N GLU E 82 -7.19 -13.61 -5.50
CA GLU E 82 -7.15 -14.53 -6.62
C GLU E 82 -6.04 -14.13 -7.57
N GLU E 83 -6.02 -12.85 -7.94
CA GLU E 83 -5.03 -12.31 -8.88
C GLU E 83 -3.60 -12.39 -8.35
N GLN E 84 -3.43 -12.21 -7.05
CA GLN E 84 -2.10 -12.29 -6.45
C GLN E 84 -1.61 -13.72 -6.43
N ILE E 85 -2.42 -14.63 -5.87
CA ILE E 85 -2.05 -16.04 -5.80
C ILE E 85 -1.77 -16.57 -7.20
N CYS E 86 -2.61 -16.22 -8.15
CA CYS E 86 -2.38 -16.68 -9.50
C CYS E 86 -0.98 -16.26 -9.97
N GLU E 87 -0.59 -15.02 -9.68
CA GLU E 87 0.73 -14.54 -10.07
C GLU E 87 1.84 -15.39 -9.47
N CYS E 88 1.74 -15.70 -8.18
CA CYS E 88 2.74 -16.51 -7.51
C CYS E 88 2.89 -17.83 -8.21
N ASP E 89 1.77 -18.45 -8.53
CA ASP E 89 1.76 -19.75 -9.20
C ASP E 89 2.32 -19.67 -10.62
N ARG E 90 1.86 -18.70 -11.38
CA ARG E 90 2.30 -18.51 -12.77
C ARG E 90 3.80 -18.39 -12.82
N VAL E 91 4.33 -17.47 -12.03
CA VAL E 91 5.76 -17.23 -11.97
C VAL E 91 6.58 -18.49 -11.61
N ALA E 92 6.14 -19.23 -10.60
CA ALA E 92 6.84 -20.43 -10.17
C ALA E 92 6.84 -21.50 -11.24
N ALA E 93 5.68 -21.74 -11.83
CA ALA E 93 5.54 -22.76 -12.87
C ALA E 93 6.55 -22.57 -14.00
N GLU E 94 6.73 -21.31 -14.41
CA GLU E 94 7.66 -20.97 -15.48
C GLU E 94 9.10 -21.11 -14.98
N CYS E 95 9.35 -20.63 -13.77
CA CYS E 95 10.67 -20.73 -13.14
C CYS E 95 11.15 -22.18 -13.17
N PHE E 96 10.20 -23.10 -12.99
CA PHE E 96 10.51 -24.53 -12.98
C PHE E 96 11.03 -24.94 -14.35
N ARG E 97 10.38 -24.41 -15.39
CA ARG E 97 10.78 -24.72 -16.75
C ARG E 97 12.17 -24.16 -17.02
N ARG E 98 12.38 -22.90 -16.66
CA ARG E 98 13.66 -22.25 -16.88
C ARG E 98 14.80 -23.00 -16.22
N ASN E 99 14.50 -23.68 -15.12
CA ASN E 99 15.53 -24.40 -14.39
C ASN E 99 15.57 -25.91 -14.63
N LEU E 100 14.82 -26.35 -15.64
CA LEU E 100 14.77 -27.76 -16.00
C LEU E 100 16.15 -28.31 -16.32
N ASP E 101 16.99 -27.47 -16.92
CA ASP E 101 18.33 -27.86 -17.29
C ASP E 101 19.17 -28.39 -16.14
N THR E 102 19.02 -27.82 -14.95
CA THR E 102 19.81 -28.27 -13.80
C THR E 102 18.99 -29.09 -12.80
N TYR E 103 17.81 -29.53 -13.21
CA TYR E 103 16.99 -30.32 -12.31
C TYR E 103 17.76 -31.58 -11.96
N ASN E 104 17.88 -31.87 -10.68
CA ASN E 104 18.61 -33.05 -10.23
C ASN E 104 17.72 -34.04 -9.48
N ASN E 105 17.51 -35.20 -10.10
CA ASN E 105 16.70 -36.25 -9.50
C ASN E 105 17.24 -36.66 -8.13
N GLY E 106 18.52 -36.36 -7.91
CA GLY E 106 19.15 -36.69 -6.64
C GLY E 106 18.59 -35.84 -5.52
N TYR E 107 17.90 -34.77 -5.89
CA TYR E 107 17.32 -33.89 -4.88
C TYR E 107 15.89 -34.27 -4.55
N MET E 108 15.30 -35.15 -5.35
CA MET E 108 13.93 -35.61 -5.11
C MET E 108 13.99 -36.41 -3.82
N PHE E 109 13.05 -36.16 -2.91
CA PHE E 109 12.99 -36.82 -1.62
C PHE E 109 14.22 -36.54 -0.77
N TYR E 110 14.64 -35.28 -0.82
CA TYR E 110 15.79 -34.80 -0.05
C TYR E 110 15.30 -34.54 1.36
N ARG E 111 15.87 -35.22 2.33
CA ARG E 111 15.49 -35.06 3.73
C ARG E 111 15.67 -33.63 4.23
N ASP E 112 14.63 -33.07 4.86
CA ASP E 112 14.68 -31.72 5.42
C ASP E 112 15.77 -31.67 6.49
N SER E 113 16.18 -32.86 6.93
CA SER E 113 17.22 -33.02 7.95
C SER E 113 18.58 -32.54 7.45
N LYS E 114 18.81 -32.65 6.15
CA LYS E 114 20.08 -32.21 5.55
C LYS E 114 20.02 -30.75 5.15
N CYS E 115 18.94 -30.07 5.53
CA CYS E 115 18.78 -28.66 5.22
C CYS E 115 19.05 -27.85 6.45
N THR E 116 20.12 -28.21 7.16
CA THR E 116 20.50 -27.53 8.38
C THR E 116 21.52 -26.42 8.13
N GLU E 117 20.99 -25.20 8.06
CA GLU E 117 21.77 -24.02 7.81
C GLU E 117 20.81 -22.88 8.09
N THR E 118 21.33 -21.69 8.34
CA THR E 118 20.45 -20.56 8.61
C THR E 118 19.50 -20.38 7.43
N SER E 119 18.22 -20.56 7.69
CA SER E 119 17.21 -20.41 6.65
C SER E 119 17.36 -19.04 6.01
N GLU E 120 17.26 -18.97 4.69
CA GLU E 120 17.40 -17.71 3.97
C GLU E 120 16.30 -16.74 4.32
N GLU E 121 16.50 -15.47 3.97
CA GLU E 121 15.51 -14.44 4.24
C GLU E 121 14.76 -14.07 2.97
N CYS E 122 13.48 -13.78 3.09
CA CYS E 122 12.68 -13.43 1.93
C CYS E 122 12.97 -12.00 1.45
N ASN F 1 20.73 8.74 0.67
CA ASN F 1 21.62 9.62 -0.12
C ASN F 1 22.83 8.81 -0.55
N LEU F 2 23.17 8.88 -1.84
CA LEU F 2 24.31 8.11 -2.35
C LEU F 2 25.60 8.35 -1.56
N LEU F 3 25.77 9.55 -1.04
CA LEU F 3 26.96 9.85 -0.25
C LEU F 3 27.06 8.96 0.99
N GLN F 4 25.91 8.57 1.54
CA GLN F 4 25.85 7.71 2.73
C GLN F 4 26.04 6.26 2.33
N PHE F 5 25.53 5.92 1.16
CA PHE F 5 25.69 4.58 0.62
C PHE F 5 27.21 4.37 0.45
N ASN F 6 27.88 5.34 -0.16
CA ASN F 6 29.32 5.30 -0.38
C ASN F 6 30.06 4.99 0.92
N LYS F 7 29.60 5.61 1.99
CA LYS F 7 30.20 5.44 3.32
C LYS F 7 30.03 3.99 3.74
N MET F 8 28.83 3.47 3.55
CA MET F 8 28.52 2.10 3.89
C MET F 8 29.37 1.12 3.10
N ILE F 9 29.58 1.39 1.81
CA ILE F 9 30.40 0.50 0.99
C ILE F 9 31.83 0.52 1.49
N LYS F 10 32.35 1.70 1.80
CA LYS F 10 33.72 1.84 2.29
C LYS F 10 33.90 1.11 3.62
N GLU F 11 32.86 1.14 4.45
CA GLU F 11 32.88 0.49 5.75
C GLU F 11 32.76 -1.03 5.61
N GLU F 12 31.91 -1.48 4.70
CA GLU F 12 31.69 -2.90 4.50
C GLU F 12 32.76 -3.62 3.67
N THR F 13 33.27 -2.95 2.64
CA THR F 13 34.26 -3.56 1.76
C THR F 13 35.66 -2.98 1.92
N GLY F 14 35.78 -1.86 2.60
CA GLY F 14 37.09 -1.26 2.76
C GLY F 14 37.50 -0.47 1.53
N LYS F 15 36.87 -0.74 0.39
CA LYS F 15 37.20 -0.04 -0.83
C LYS F 15 36.33 1.19 -0.99
N ASN F 16 36.67 2.02 -1.96
CA ASN F 16 35.93 3.24 -2.24
C ASN F 16 34.94 2.96 -3.35
N ALA F 17 33.73 3.47 -3.20
CA ALA F 17 32.69 3.24 -4.20
C ALA F 17 33.25 3.61 -5.56
N ILE F 18 34.03 4.69 -5.60
CA ILE F 18 34.64 5.12 -6.84
C ILE F 18 36.12 4.76 -6.75
N PRO F 19 36.63 4.04 -7.75
CA PRO F 19 35.91 3.58 -8.94
C PRO F 19 35.46 2.12 -8.82
N PHE F 20 36.01 1.44 -7.82
CA PHE F 20 35.73 0.04 -7.58
C PHE F 20 34.30 -0.45 -7.76
N TYR F 21 33.31 0.43 -7.55
CA TYR F 21 31.93 -0.01 -7.69
C TYR F 21 31.08 0.92 -8.55
N ALA F 22 31.68 1.96 -9.09
CA ALA F 22 30.95 2.90 -9.92
C ALA F 22 30.88 2.50 -11.41
N PHE F 23 31.75 1.60 -11.84
CA PHE F 23 31.75 1.15 -13.23
C PHE F 23 32.19 -0.30 -13.33
N TYR F 24 31.47 -1.18 -12.64
CA TYR F 24 31.81 -2.58 -12.65
C TYR F 24 30.68 -3.40 -13.25
N GLY F 25 31.02 -4.42 -14.02
CA GLY F 25 30.03 -5.28 -14.64
C GLY F 25 28.98 -4.60 -15.51
N CYS F 26 27.77 -5.14 -15.51
CA CYS F 26 26.66 -4.61 -16.30
C CYS F 26 25.70 -3.74 -15.48
N TYR F 27 25.70 -3.92 -14.16
CA TYR F 27 24.78 -3.18 -13.31
C TYR F 27 25.37 -2.27 -12.23
N CYS F 28 26.67 -2.38 -11.98
CA CYS F 28 27.26 -1.51 -10.96
C CYS F 28 27.69 -0.19 -11.58
N GLY F 29 26.88 0.83 -11.37
CA GLY F 29 27.18 2.15 -11.93
C GLY F 29 25.87 2.75 -12.39
N TRP F 30 25.92 3.94 -12.97
CA TRP F 30 24.70 4.61 -13.43
C TRP F 30 23.99 3.82 -14.54
N GLY F 31 22.84 3.26 -14.20
CA GLY F 31 22.09 2.48 -15.17
C GLY F 31 22.41 1.00 -15.08
N GLY F 32 22.25 0.29 -16.19
CA GLY F 32 22.51 -1.13 -16.24
C GLY F 32 21.54 -1.87 -17.13
N GLN F 33 21.98 -3.00 -17.66
CA GLN F 33 21.15 -3.80 -18.54
C GLN F 33 21.89 -5.09 -18.89
N GLY F 34 21.19 -6.03 -19.50
CA GLY F 34 21.83 -7.29 -19.83
C GLY F 34 21.70 -8.15 -18.60
N LYS F 35 22.65 -9.05 -18.40
CA LYS F 35 22.57 -9.92 -17.23
C LYS F 35 23.79 -9.72 -16.36
N PRO F 36 23.60 -9.74 -15.02
CA PRO F 36 24.71 -9.55 -14.09
C PRO F 36 25.86 -10.51 -14.39
N LYS F 37 27.07 -9.94 -14.49
CA LYS F 37 28.25 -10.74 -14.79
C LYS F 37 28.62 -11.74 -13.69
N ASP F 38 28.59 -11.29 -12.44
CA ASP F 38 28.93 -12.17 -11.33
C ASP F 38 28.15 -11.85 -10.05
N GLY F 39 28.66 -12.31 -8.92
CA GLY F 39 27.97 -12.08 -7.66
C GLY F 39 27.93 -10.62 -7.31
N THR F 40 29.09 -9.98 -7.35
CA THR F 40 29.19 -8.56 -7.04
C THR F 40 28.23 -7.80 -7.97
N ASP F 41 28.25 -8.13 -9.25
CA ASP F 41 27.39 -7.45 -10.20
C ASP F 41 25.92 -7.64 -9.84
N ARG F 42 25.58 -8.82 -9.34
CA ARG F 42 24.20 -9.09 -8.99
C ARG F 42 23.77 -8.25 -7.80
N CYS F 43 24.70 -7.91 -6.92
CA CYS F 43 24.34 -7.09 -5.78
C CYS F 43 23.75 -5.78 -6.31
N CYS F 44 24.40 -5.22 -7.31
CA CYS F 44 23.98 -3.97 -7.91
C CYS F 44 22.63 -4.09 -8.60
N PHE F 45 22.45 -5.19 -9.31
CA PHE F 45 21.20 -5.46 -10.01
C PHE F 45 20.02 -5.44 -9.01
N VAL F 46 20.21 -6.10 -7.87
CA VAL F 46 19.18 -6.14 -6.82
C VAL F 46 18.92 -4.75 -6.23
N HIS F 47 19.99 -3.97 -6.07
CA HIS F 47 19.87 -2.61 -5.53
C HIS F 47 18.91 -1.81 -6.41
N ASP F 48 19.12 -1.90 -7.72
CA ASP F 48 18.30 -1.22 -8.70
C ASP F 48 16.85 -1.62 -8.52
N CYS F 49 16.60 -2.92 -8.47
CA CYS F 49 15.23 -3.39 -8.28
C CYS F 49 14.69 -2.82 -6.98
N CYS F 50 15.56 -2.74 -5.97
CA CYS F 50 15.17 -2.22 -4.67
C CYS F 50 14.68 -0.79 -4.81
N TYR F 51 15.53 0.03 -5.40
CA TYR F 51 15.19 1.43 -5.60
C TYR F 51 13.96 1.50 -6.50
N GLY F 52 13.93 0.62 -7.50
CA GLY F 52 12.81 0.61 -8.42
C GLY F 52 11.46 0.57 -7.74
N ARG F 53 11.39 -0.07 -6.58
CA ARG F 53 10.13 -0.18 -5.84
C ARG F 53 9.78 1.07 -5.03
N LEU F 54 10.65 2.06 -5.01
CA LEU F 54 10.40 3.30 -4.27
C LEU F 54 10.12 4.46 -5.25
N VAL F 55 9.15 4.22 -6.13
CA VAL F 55 8.76 5.18 -7.15
C VAL F 55 8.63 6.65 -6.81
N ASN F 56 8.15 6.97 -5.61
CA ASN F 56 7.96 8.36 -5.25
C ASN F 56 8.96 8.89 -4.23
N CYS F 57 10.10 8.22 -4.12
CA CYS F 57 11.15 8.64 -3.19
C CYS F 57 12.32 9.21 -3.96
N ASN F 58 13.05 10.13 -3.36
CA ASN F 58 14.24 10.66 -4.01
C ASN F 58 15.35 9.75 -3.48
N THR F 59 15.39 8.53 -4.02
CA THR F 59 16.34 7.50 -3.64
C THR F 59 17.81 7.86 -3.74
N LYS F 60 18.13 8.92 -4.46
CA LYS F 60 19.51 9.33 -4.62
C LYS F 60 20.03 10.37 -3.63
N SER F 61 19.24 11.43 -3.41
CA SER F 61 19.64 12.51 -2.52
C SER F 61 18.97 12.59 -1.15
N ASP F 62 17.85 11.89 -0.98
CA ASP F 62 17.14 11.88 0.30
C ASP F 62 18.07 11.39 1.42
N ILE F 63 18.36 12.27 2.40
CA ILE F 63 19.23 11.91 3.52
C ILE F 63 18.48 11.12 4.59
N TYR F 64 19.03 9.99 4.99
CA TYR F 64 18.40 9.17 5.99
C TYR F 64 19.28 9.06 7.21
N SER F 65 18.78 8.35 8.20
CA SER F 65 19.52 8.18 9.44
C SER F 65 19.90 6.73 9.65
N TYR F 66 21.19 6.48 9.77
CA TYR F 66 21.69 5.13 10.00
C TYR F 66 22.88 5.25 10.91
N SER F 67 23.33 4.13 11.48
CA SER F 67 24.47 4.16 12.37
C SER F 67 25.08 2.79 12.52
N LEU F 68 26.30 2.75 13.03
CA LEU F 68 27.00 1.49 13.26
C LEU F 68 26.73 1.05 14.68
N LYS F 69 25.70 0.24 14.85
CA LYS F 69 25.38 -0.25 16.18
C LYS F 69 26.03 -1.62 16.37
N GLU F 70 27.15 -1.64 17.08
CA GLU F 70 27.87 -2.88 17.31
C GLU F 70 28.52 -3.35 16.01
N GLY F 71 29.24 -2.45 15.36
CA GLY F 71 29.91 -2.76 14.10
C GLY F 71 28.96 -3.25 13.03
N TYR F 72 27.68 -2.95 13.21
CA TYR F 72 26.66 -3.37 12.28
C TYR F 72 25.92 -2.15 11.74
N ILE F 73 25.83 -2.04 10.42
CA ILE F 73 25.15 -0.91 9.83
C ILE F 73 23.67 -1.09 10.15
N THR F 74 23.09 -0.13 10.86
CA THR F 74 21.69 -0.20 11.24
C THR F 74 20.96 1.04 10.75
N CYS F 75 19.76 0.84 10.21
CA CYS F 75 18.98 1.95 9.70
C CYS F 75 18.10 2.54 10.78
N GLY F 76 18.22 3.85 10.95
CA GLY F 76 17.44 4.52 11.96
C GLY F 76 16.00 4.72 11.51
N LYS F 77 15.20 5.23 12.43
CA LYS F 77 13.81 5.49 12.16
C LYS F 77 13.60 6.85 11.44
N GLY F 78 12.69 6.86 10.48
CA GLY F 78 12.40 8.07 9.72
C GLY F 78 11.17 7.88 8.87
N THR F 79 11.17 8.49 7.69
CA THR F 79 10.05 8.41 6.77
C THR F 79 10.09 7.09 5.99
N ASN F 80 8.95 6.64 5.44
CA ASN F 80 8.93 5.38 4.67
C ASN F 80 10.10 5.40 3.68
N CYS F 81 10.29 6.53 2.99
CA CYS F 81 11.36 6.67 2.00
C CYS F 81 12.75 6.57 2.58
N GLU F 82 13.00 7.31 3.66
CA GLU F 82 14.30 7.28 4.31
C GLU F 82 14.62 5.85 4.75
N GLU F 83 13.68 5.24 5.48
CA GLU F 83 13.83 3.87 5.99
C GLU F 83 14.06 2.83 4.88
N GLN F 84 13.24 2.88 3.83
CA GLN F 84 13.34 1.95 2.70
C GLN F 84 14.64 2.10 1.91
N ILE F 85 14.97 3.35 1.53
CA ILE F 85 16.19 3.61 0.79
C ILE F 85 17.42 3.16 1.58
N CYS F 86 17.35 3.32 2.90
CA CYS F 86 18.47 2.93 3.74
C CYS F 86 18.64 1.42 3.69
N GLU F 87 17.52 0.73 3.65
CA GLU F 87 17.47 -0.73 3.61
C GLU F 87 18.10 -1.23 2.32
N CYS F 88 17.82 -0.57 1.21
CA CYS F 88 18.39 -0.95 -0.06
C CYS F 88 19.90 -0.77 0.05
N ASP F 89 20.30 0.36 0.61
CA ASP F 89 21.70 0.69 0.75
C ASP F 89 22.40 -0.31 1.64
N ARG F 90 21.83 -0.55 2.81
CA ARG F 90 22.42 -1.49 3.75
C ARG F 90 22.67 -2.83 3.08
N VAL F 91 21.58 -3.47 2.68
CA VAL F 91 21.61 -4.77 2.03
C VAL F 91 22.67 -4.85 0.92
N ALA F 92 22.72 -3.84 0.07
CA ALA F 92 23.68 -3.83 -1.02
C ALA F 92 25.13 -3.80 -0.51
N ALA F 93 25.41 -2.93 0.46
CA ALA F 93 26.75 -2.81 1.01
C ALA F 93 27.29 -4.12 1.60
N GLU F 94 26.42 -4.88 2.26
CA GLU F 94 26.82 -6.16 2.86
C GLU F 94 27.02 -7.18 1.75
N CYS F 95 26.12 -7.14 0.77
CA CYS F 95 26.17 -8.02 -0.37
C CYS F 95 27.54 -7.94 -1.04
N PHE F 96 28.04 -6.72 -1.16
CA PHE F 96 29.34 -6.51 -1.79
C PHE F 96 30.42 -7.27 -1.01
N ARG F 97 30.37 -7.17 0.32
CA ARG F 97 31.36 -7.83 1.16
C ARG F 97 31.33 -9.34 0.99
N ARG F 98 30.14 -9.92 1.04
CA ARG F 98 29.97 -11.36 0.91
C ARG F 98 30.52 -11.90 -0.41
N ASN F 99 30.62 -11.02 -1.41
CA ASN F 99 31.11 -11.40 -2.72
C ASN F 99 32.51 -10.89 -3.03
N LEU F 100 33.20 -10.37 -2.02
CA LEU F 100 34.54 -9.85 -2.25
C LEU F 100 35.45 -10.95 -2.81
N ASP F 101 35.17 -12.20 -2.45
CA ASP F 101 36.00 -13.28 -2.94
C ASP F 101 36.01 -13.42 -4.47
N THR F 102 34.88 -13.25 -5.13
CA THR F 102 34.90 -13.39 -6.60
C THR F 102 35.04 -12.06 -7.32
N TYR F 103 35.34 -11.01 -6.58
CA TYR F 103 35.49 -9.71 -7.20
C TYR F 103 36.54 -9.84 -8.30
N ASN F 104 36.19 -9.44 -9.51
CA ASN F 104 37.13 -9.53 -10.62
C ASN F 104 37.44 -8.15 -11.19
N ASN F 105 38.69 -7.73 -11.06
CA ASN F 105 39.10 -6.42 -11.56
C ASN F 105 38.97 -6.26 -13.07
N GLY F 106 38.83 -7.39 -13.77
CA GLY F 106 38.69 -7.33 -15.22
C GLY F 106 37.28 -6.96 -15.60
N TYR F 107 36.44 -6.77 -14.59
CA TYR F 107 35.06 -6.41 -14.80
C TYR F 107 34.88 -4.92 -14.60
N MET F 108 35.85 -4.29 -13.93
CA MET F 108 35.80 -2.85 -13.71
C MET F 108 35.93 -2.25 -15.10
N PHE F 109 35.23 -1.15 -15.32
CA PHE F 109 35.25 -0.50 -16.64
C PHE F 109 34.84 -1.45 -17.75
N TYR F 110 33.88 -2.31 -17.46
CA TYR F 110 33.37 -3.27 -18.42
C TYR F 110 32.33 -2.55 -19.28
N ARG F 111 32.64 -2.39 -20.56
CA ARG F 111 31.73 -1.69 -21.47
C ARG F 111 30.30 -2.20 -21.37
N ASP F 112 29.36 -1.25 -21.27
CA ASP F 112 27.93 -1.56 -21.21
C ASP F 112 27.55 -2.17 -22.57
N SER F 113 28.45 -1.99 -23.53
CA SER F 113 28.26 -2.50 -24.89
C SER F 113 28.37 -4.03 -24.94
N LYS F 114 29.17 -4.57 -24.03
CA LYS F 114 29.38 -6.00 -23.96
C LYS F 114 28.27 -6.66 -23.15
N CYS F 115 27.26 -5.88 -22.78
CA CYS F 115 26.13 -6.37 -22.01
C CYS F 115 24.91 -6.48 -22.92
N THR F 116 25.12 -7.09 -24.08
CA THR F 116 24.08 -7.27 -25.06
C THR F 116 23.41 -8.61 -24.83
N GLU F 117 22.26 -8.58 -24.18
CA GLU F 117 21.50 -9.78 -23.89
C GLU F 117 20.22 -9.29 -23.26
N THR F 118 19.21 -10.12 -23.22
CA THR F 118 17.95 -9.73 -22.64
C THR F 118 18.19 -9.36 -21.18
N SER F 119 17.91 -8.11 -20.83
CA SER F 119 18.09 -7.64 -19.47
C SER F 119 17.22 -8.50 -18.56
N GLU F 120 17.76 -8.85 -17.39
CA GLU F 120 17.02 -9.67 -16.44
C GLU F 120 15.81 -8.94 -15.86
N GLU F 121 14.91 -9.70 -15.25
CA GLU F 121 13.70 -9.15 -14.64
C GLU F 121 13.86 -9.04 -13.13
N CYS F 122 13.22 -8.02 -12.54
CA CYS F 122 13.28 -7.81 -11.11
C CYS F 122 12.39 -8.78 -10.38
CA CA G . -12.22 -17.78 -5.54
CA CA H . -30.99 -6.80 -4.13
CA CA I . 4.16 27.75 15.44
CA CA J . -5.18 3.72 1.47
CA CA K . -13.74 -3.16 -18.33
CA CA L . 7.70 -24.79 0.62
CA CA M . 15.69 13.07 4.46
CA CA N . 22.63 0.01 -11.42
#